data_8HG0
#
_entry.id   8HG0
#
_cell.length_a   1.00
_cell.length_b   1.00
_cell.length_c   1.00
_cell.angle_alpha   90.00
_cell.angle_beta   90.00
_cell.angle_gamma   90.00
#
_symmetry.space_group_name_H-M   'P 1'
#
loop_
_entity.id
_entity.type
_entity.pdbx_description
1 polymer 'Angiotensin-converting enzyme'
2 polymer 'Spike protein S1'
3 non-polymer 2-acetamido-2-deoxy-beta-D-glucopyranose
4 non-polymer 'ZINC ION'
#
loop_
_entity_poly.entity_id
_entity_poly.type
_entity_poly.pdbx_seq_one_letter_code
_entity_poly.pdbx_strand_id
1 'polypeptide(L)'
;MTGSFWLLLSLVAVTAAQSTTEEQAKTFLEKFNHEAEDLSYQSSLASWNYNTNITDENVQKMNEARAKWSAFYEEQSRMA
KTYSLEEIQNLTLKRQLKALQQSGTSVLSAEKSKRLNTILNTMSTIYSTGKVLDPNTQECLALEPGLDDIMENSRDYNRR
LWAWEGWRAEVGKQLRPLYEEYVVLENEMARANNYEDYGDYWRGDYEVTEAGDYDYSRDQLMKDVENTFAEIKPLYEQLH
AYVRAKLMDTYPSYISPTGCLPAHLLGDMWGRFWTNLYSLTVPFKHKPSIDVTEKMKNQSWDAERIFKEAEKFFVSISLP
HMTQGFWDNSMLTEPGDGRKVVCHPTAWDLGKGDFRIKMCTKVTMDDFLTAHHEMGHIQYDMAYAAQPYLLRDGANEGFH
EAVGEIMSLSAATPHYLKALGLLEPDFYEDNETEINFLLKQALTIVGTLPFTYMLEKWRWMVFKGEIPKEQWMEKWWEMK
REIVGVVEPLPHDETYCDPACLFHVAEDYSFIRYYTRTIYQFQFHEALCKTANHEGALFKCDISNSTEAGQRLLQMLSLG
KSEPWTLALESIVGIKTMDVKPLLNYFEPLFTWLKEQNRNSFVGWSTEWTPYS
;
A
2 'polypeptide(L)'
;TNLCPFGEVFNATRFASVYAWNRKRISNCVADYSVLYNSASFSTFKCYGVSPTKLNDLCFTNVYADSFVIRGDEVRQIAP
GQTGKIADYNYKLPDDFTGCVIAWNSNNLDSKVGGNYNYLYRLFRKSNLKPFERDISTEIYQAGSTPCNGVEGFNCYFPL
QSYGFQPTNGVGYQPYRVVVLSFELLHAPATVCGP
;
B
#
loop_
_chem_comp.id
_chem_comp.type
_chem_comp.name
_chem_comp.formula
NAG D-saccharide, beta linking 2-acetamido-2-deoxy-beta-D-glucopyranose 'C8 H15 N O6'
ZN non-polymer 'ZINC ION' 'Zn 2'
#
# COMPACT_ATOMS: atom_id res chain seq x y z
N SER A 19 -0.24 36.54 0.87
CA SER A 19 -1.23 37.48 1.39
C SER A 19 -2.63 37.09 0.94
N THR A 20 -2.75 36.55 -0.28
CA THR A 20 -4.04 36.13 -0.78
C THR A 20 -4.41 34.77 -0.21
N THR A 21 -5.62 34.31 -0.58
CA THR A 21 -6.10 33.03 -0.09
C THR A 21 -5.23 31.88 -0.58
N GLU A 22 -4.77 31.97 -1.83
CA GLU A 22 -3.93 30.90 -2.38
C GLU A 22 -2.60 30.79 -1.65
N GLU A 23 -1.96 31.92 -1.33
CA GLU A 23 -0.67 31.87 -0.67
C GLU A 23 -0.76 31.40 0.78
N GLN A 24 -1.79 31.82 1.51
CA GLN A 24 -1.92 31.38 2.90
C GLN A 24 -2.28 29.91 2.98
N ALA A 25 -2.95 29.38 1.95
CA ALA A 25 -3.25 27.96 1.91
C ALA A 25 -1.98 27.13 1.79
N LYS A 26 -1.00 27.64 1.04
CA LYS A 26 0.27 26.94 0.88
C LYS A 26 0.97 26.72 2.21
N THR A 27 0.87 27.66 3.14
CA THR A 27 1.48 27.51 4.45
C THR A 27 0.71 26.55 5.35
N PHE A 28 -0.58 26.34 5.08
CA PHE A 28 -1.35 25.40 5.88
C PHE A 28 -0.80 23.99 5.75
N LEU A 29 -0.57 23.54 4.52
CA LEU A 29 -0.14 22.16 4.31
C LEU A 29 1.22 21.90 4.95
N GLU A 30 2.11 22.90 4.93
CA GLU A 30 3.42 22.72 5.56
C GLU A 30 3.28 22.45 7.04
N LYS A 31 2.36 23.15 7.72
CA LYS A 31 2.09 22.82 9.12
C LYS A 31 1.51 21.42 9.25
N PHE A 32 0.61 21.05 8.35
CA PHE A 32 -0.02 19.73 8.43
C PHE A 32 0.99 18.62 8.15
N ASN A 33 1.78 18.76 7.08
CA ASN A 33 2.72 17.70 6.71
C ASN A 33 3.78 17.50 7.77
N HIS A 34 4.33 18.60 8.30
CA HIS A 34 5.40 18.49 9.29
C HIS A 34 4.90 17.98 10.64
N GLU A 35 3.59 17.91 10.83
CA GLU A 35 3.00 17.43 12.09
C GLU A 35 2.34 16.07 11.95
N ALA A 36 1.71 15.79 10.81
CA ALA A 36 0.98 14.54 10.65
C ALA A 36 1.92 13.34 10.67
N GLU A 37 3.13 13.50 10.13
CA GLU A 37 4.07 12.38 10.06
C GLU A 37 4.49 11.90 11.45
N ASP A 38 4.66 12.82 12.39
CA ASP A 38 5.03 12.43 13.75
C ASP A 38 3.93 11.61 14.42
N LEU A 39 2.67 12.00 14.25
CA LEU A 39 1.58 11.24 14.84
C LEU A 39 1.33 9.93 14.09
N SER A 40 1.51 9.95 12.77
CA SER A 40 1.32 8.73 11.98
C SER A 40 2.32 7.65 12.38
N TYR A 41 3.57 8.04 12.62
CA TYR A 41 4.57 7.06 13.04
C TYR A 41 4.21 6.47 14.39
N GLN A 42 3.75 7.30 15.33
CA GLN A 42 3.37 6.79 16.65
C GLN A 42 2.21 5.81 16.53
N SER A 43 1.20 6.15 15.72
CA SER A 43 0.06 5.25 15.55
C SER A 43 0.47 3.97 14.83
N SER A 44 1.30 4.08 13.79
CA SER A 44 1.71 2.89 13.04
C SER A 44 2.60 1.99 13.89
N LEU A 45 3.53 2.57 14.64
CA LEU A 45 4.42 1.77 15.47
C LEU A 45 3.65 1.04 16.56
N ALA A 46 2.68 1.72 17.18
CA ALA A 46 1.88 1.09 18.22
C ALA A 46 1.09 -0.08 17.66
N SER A 47 0.50 0.09 16.49
CA SER A 47 -0.24 -1.00 15.86
C SER A 47 0.69 -2.13 15.44
N TRP A 48 1.96 -1.82 15.13
CA TRP A 48 2.92 -2.87 14.82
C TRP A 48 3.19 -3.75 16.02
N ASN A 49 3.28 -3.14 17.21
CA ASN A 49 3.65 -3.91 18.40
C ASN A 49 2.58 -4.93 18.77
N TYR A 50 1.30 -4.55 18.65
CA TYR A 50 0.24 -5.49 18.97
C TYR A 50 0.26 -6.69 18.03
N ASN A 51 0.47 -6.45 16.73
CA ASN A 51 0.54 -7.55 15.77
C ASN A 51 1.77 -8.41 16.01
N THR A 52 2.81 -7.84 16.62
CA THR A 52 4.04 -8.56 16.95
C THR A 52 4.01 -9.11 18.36
N ASN A 53 3.31 -8.44 19.28
CA ASN A 53 3.19 -8.93 20.65
C ASN A 53 1.77 -8.73 21.16
N ILE A 54 0.96 -9.78 21.17
CA ILE A 54 -0.43 -9.70 21.61
C ILE A 54 -0.43 -9.70 23.14
N THR A 55 -0.65 -8.53 23.74
CA THR A 55 -0.73 -8.39 25.19
C THR A 55 -1.75 -7.31 25.51
N ASP A 56 -2.36 -7.41 26.69
CA ASP A 56 -3.42 -6.48 27.07
C ASP A 56 -2.89 -5.06 27.17
N GLU A 57 -1.67 -4.89 27.68
CA GLU A 57 -1.10 -3.55 27.80
C GLU A 57 -0.91 -2.89 26.44
N ASN A 58 -0.49 -3.67 25.44
CA ASN A 58 -0.25 -3.11 24.12
C ASN A 58 -1.53 -2.61 23.46
N VAL A 59 -2.65 -3.31 23.70
CA VAL A 59 -3.91 -2.91 23.09
C VAL A 59 -4.33 -1.53 23.57
N GLN A 60 -4.07 -1.22 24.84
CA GLN A 60 -4.43 0.10 25.37
C GLN A 60 -3.65 1.21 24.65
N LYS A 61 -2.40 0.94 24.31
CA LYS A 61 -1.59 1.97 23.66
C LYS A 61 -2.14 2.32 22.28
N MET A 62 -2.58 1.33 21.52
CA MET A 62 -3.10 1.60 20.18
C MET A 62 -4.36 2.45 20.25
N ASN A 63 -5.26 2.15 21.18
CA ASN A 63 -6.48 2.94 21.32
C ASN A 63 -6.15 4.39 21.68
N GLU A 64 -5.19 4.59 22.58
CA GLU A 64 -4.75 5.94 22.91
C GLU A 64 -4.07 6.59 21.72
N ALA A 65 -3.19 5.86 21.03
CA ALA A 65 -2.46 6.42 19.89
C ALA A 65 -3.42 6.78 18.77
N ARG A 66 -4.38 5.90 18.47
CA ARG A 66 -5.34 6.18 17.42
C ARG A 66 -6.28 7.32 17.81
N ALA A 67 -6.53 7.47 19.11
CA ALA A 67 -7.39 8.56 19.56
C ALA A 67 -6.78 9.92 19.25
N LYS A 68 -5.47 10.06 19.47
CA LYS A 68 -4.79 11.31 19.11
C LYS A 68 -4.79 11.53 17.60
N TRP A 69 -4.54 10.47 16.83
CA TRP A 69 -4.55 10.60 15.38
C TRP A 69 -5.93 10.96 14.85
N SER A 70 -6.97 10.34 15.41
CA SER A 70 -8.32 10.66 14.98
C SER A 70 -8.71 12.09 15.32
N ALA A 71 -8.42 12.51 16.56
CA ALA A 71 -8.78 13.87 16.97
C ALA A 71 -7.99 14.90 16.16
N PHE A 72 -6.72 14.62 15.89
CA PHE A 72 -5.91 15.56 15.11
C PHE A 72 -6.44 15.69 13.68
N TYR A 73 -6.88 14.58 13.08
CA TYR A 73 -7.36 14.62 11.72
C TYR A 73 -8.63 15.47 11.59
N GLU A 74 -9.54 15.33 12.55
CA GLU A 74 -10.81 16.06 12.46
C GLU A 74 -10.60 17.56 12.60
N GLU A 75 -9.68 17.97 13.47
CA GLU A 75 -9.44 19.40 13.68
C GLU A 75 -8.96 20.07 12.39
N GLN A 76 -8.02 19.44 11.69
CA GLN A 76 -7.51 20.04 10.46
C GLN A 76 -8.53 19.94 9.33
N SER A 77 -9.24 18.81 9.25
CA SER A 77 -10.22 18.64 8.17
C SER A 77 -11.32 19.68 8.29
N ARG A 78 -11.81 19.93 9.50
CA ARG A 78 -12.81 20.98 9.70
C ARG A 78 -12.24 22.35 9.39
N MET A 79 -10.99 22.60 9.80
CA MET A 79 -10.38 23.90 9.54
C MET A 79 -10.08 24.10 8.06
N ALA A 80 -9.86 23.00 7.33
CA ALA A 80 -9.51 23.12 5.91
C ALA A 80 -10.70 23.59 5.08
N LYS A 81 -11.92 23.35 5.56
CA LYS A 81 -13.11 23.69 4.81
C LYS A 81 -13.32 25.20 4.73
N THR A 82 -12.60 25.95 5.56
CA THR A 82 -12.76 27.41 5.57
C THR A 82 -12.32 28.03 4.25
N TYR A 83 -11.23 27.52 3.67
CA TYR A 83 -10.69 28.10 2.44
C TYR A 83 -11.63 27.81 1.27
N SER A 84 -11.54 28.68 0.26
CA SER A 84 -12.34 28.55 -0.95
C SER A 84 -11.54 27.83 -2.02
N LEU A 85 -12.17 26.82 -2.65
CA LEU A 85 -11.44 25.97 -3.59
C LEU A 85 -11.12 26.71 -4.88
N GLU A 86 -12.02 27.58 -5.34
CA GLU A 86 -11.84 28.21 -6.65
C GLU A 86 -10.63 29.14 -6.66
N GLU A 87 -10.33 29.77 -5.53
CA GLU A 87 -9.19 30.69 -5.48
C GLU A 87 -7.87 29.94 -5.64
N ILE A 88 -7.87 28.65 -5.33
CA ILE A 88 -6.65 27.86 -5.47
C ILE A 88 -6.34 27.65 -6.95
N GLN A 89 -5.10 27.91 -7.34
CA GLN A 89 -4.70 27.82 -8.74
C GLN A 89 -3.80 26.61 -9.00
N ASN A 90 -2.85 26.34 -8.12
CA ASN A 90 -1.91 25.24 -8.35
C ASN A 90 -2.64 23.91 -8.29
N LEU A 91 -2.53 23.13 -9.36
CA LEU A 91 -3.28 21.88 -9.46
C LEU A 91 -2.85 20.89 -8.38
N THR A 92 -1.54 20.78 -8.13
CA THR A 92 -1.07 19.91 -7.07
C THR A 92 -1.56 20.39 -5.71
N LEU A 93 -1.60 21.70 -5.50
CA LEU A 93 -2.19 22.25 -4.28
C LEU A 93 -3.68 21.96 -4.21
N LYS A 94 -4.37 22.03 -5.35
CA LYS A 94 -5.81 21.83 -5.37
C LYS A 94 -6.19 20.42 -4.92
N ARG A 95 -5.50 19.41 -5.46
CA ARG A 95 -5.83 18.03 -5.09
C ARG A 95 -5.54 17.77 -3.62
N GLN A 96 -4.41 18.29 -3.13
CA GLN A 96 -4.03 18.05 -1.74
C GLN A 96 -5.04 18.64 -0.77
N LEU A 97 -5.50 19.87 -1.04
CA LEU A 97 -6.50 20.48 -0.18
C LEU A 97 -7.84 19.76 -0.27
N LYS A 98 -8.23 19.35 -1.48
CA LYS A 98 -9.53 18.70 -1.65
C LYS A 98 -9.60 17.37 -0.92
N ALA A 99 -8.51 16.61 -0.93
CA ALA A 99 -8.51 15.30 -0.27
C ALA A 99 -8.76 15.44 1.22
N LEU A 100 -8.16 16.45 1.85
CA LEU A 100 -8.39 16.67 3.28
C LEU A 100 -9.79 17.20 3.53
N GLN A 101 -10.36 17.91 2.56
CA GLN A 101 -11.67 18.55 2.77
C GLN A 101 -12.77 17.51 2.90
N GLN A 102 -12.67 16.41 2.16
CA GLN A 102 -13.70 15.38 2.22
C GLN A 102 -13.68 14.69 3.58
N SER A 103 -14.83 14.75 4.28
CA SER A 103 -14.93 14.17 5.61
C SER A 103 -15.91 13.02 5.55
N GLY A 104 -17.14 13.21 5.09
CA GLY A 104 -18.07 12.11 4.95
C GLY A 104 -19.21 12.11 5.95
N THR A 105 -19.19 11.13 6.86
CA THR A 105 -20.30 10.95 7.79
C THR A 105 -20.35 12.02 8.88
N SER A 106 -19.30 12.85 9.00
CA SER A 106 -19.29 13.86 10.05
C SER A 106 -20.32 14.95 9.79
N VAL A 107 -20.74 15.10 8.53
CA VAL A 107 -21.69 16.15 8.18
C VAL A 107 -23.07 15.90 8.78
N LEU A 108 -23.38 14.66 9.16
CA LEU A 108 -24.66 14.37 9.76
C LEU A 108 -24.66 14.76 11.24
N SER A 109 -25.86 14.78 11.82
CA SER A 109 -25.99 15.05 13.25
C SER A 109 -25.48 13.85 14.05
N ALA A 110 -25.11 14.12 15.30
CA ALA A 110 -24.57 13.07 16.15
C ALA A 110 -25.60 11.98 16.42
N GLU A 111 -26.87 12.37 16.63
CA GLU A 111 -27.89 11.38 16.95
C GLU A 111 -28.23 10.52 15.74
N LYS A 112 -28.03 11.04 14.53
CA LYS A 112 -28.01 10.16 13.36
C LYS A 112 -26.73 9.34 13.32
N SER A 113 -25.60 9.96 13.67
CA SER A 113 -24.32 9.27 13.58
C SER A 113 -24.24 8.09 14.54
N LYS A 114 -24.74 8.25 15.76
CA LYS A 114 -24.65 7.18 16.74
C LYS A 114 -25.44 5.96 16.28
N ARG A 115 -26.61 6.17 15.68
CA ARG A 115 -27.40 5.05 15.18
C ARG A 115 -26.70 4.35 14.03
N LEU A 116 -26.12 5.12 13.09
CA LEU A 116 -25.45 4.51 11.95
C LEU A 116 -24.27 3.67 12.40
N ASN A 117 -23.47 4.18 13.33
CA ASN A 117 -22.36 3.39 13.86
C ASN A 117 -22.87 2.19 14.64
N THR A 118 -24.03 2.33 15.29
CA THR A 118 -24.57 1.21 16.07
C THR A 118 -24.85 0.01 15.20
N ILE A 119 -25.41 0.23 14.01
CA ILE A 119 -25.68 -0.88 13.09
C ILE A 119 -24.38 -1.53 12.64
N LEU A 120 -23.41 -0.71 12.21
CA LEU A 120 -22.21 -1.24 11.57
C LEU A 120 -21.44 -2.16 12.50
N ASN A 121 -21.26 -1.75 13.76
CA ASN A 121 -20.64 -2.64 14.74
C ASN A 121 -21.51 -3.86 15.00
N THR A 122 -22.83 -3.67 15.02
CA THR A 122 -23.74 -4.79 15.27
C THR A 122 -23.63 -5.83 14.15
N MET A 123 -23.58 -5.38 12.90
CA MET A 123 -23.49 -6.32 11.77
C MET A 123 -22.25 -7.20 11.90
N SER A 124 -21.14 -6.63 12.41
CA SER A 124 -19.94 -7.42 12.59
C SER A 124 -20.10 -8.45 13.69
N THR A 125 -20.90 -8.13 14.72
CA THR A 125 -21.06 -9.03 15.85
C THR A 125 -21.74 -10.34 15.43
N ILE A 126 -22.82 -10.25 14.64
CA ILE A 126 -23.50 -11.46 14.21
C ILE A 126 -22.60 -12.30 13.32
N TYR A 127 -21.89 -11.65 12.39
CA TYR A 127 -20.96 -12.38 11.54
C TYR A 127 -19.83 -13.00 12.35
N SER A 128 -19.30 -12.27 13.32
CA SER A 128 -18.25 -12.82 14.18
C SER A 128 -18.79 -13.95 15.04
N THR A 129 -19.96 -13.76 15.64
CA THR A 129 -20.58 -14.78 16.49
C THR A 129 -21.43 -15.72 15.62
N GLY A 130 -20.73 -16.43 14.73
CA GLY A 130 -21.37 -17.36 13.83
C GLY A 130 -21.51 -18.72 14.48
N LYS A 131 -22.75 -19.20 14.56
CA LYS A 131 -23.05 -20.49 15.17
C LYS A 131 -24.25 -21.11 14.46
N VAL A 132 -24.03 -22.27 13.84
CA VAL A 132 -25.09 -23.04 13.20
C VAL A 132 -25.21 -24.36 13.94
N LEU A 133 -26.41 -24.67 14.42
CA LEU A 133 -26.60 -25.85 15.24
C LEU A 133 -26.50 -27.12 14.41
N ASP A 134 -25.53 -27.96 14.76
CA ASP A 134 -25.38 -29.24 14.12
C ASP A 134 -26.51 -30.18 14.58
N PRO A 135 -26.99 -31.05 13.68
CA PRO A 135 -28.04 -32.00 14.09
C PRO A 135 -27.66 -32.83 15.31
N ASN A 136 -26.38 -33.23 15.40
CA ASN A 136 -25.90 -33.93 16.57
C ASN A 136 -25.62 -32.96 17.71
N THR A 137 -25.76 -33.44 18.94
CA THR A 137 -25.56 -32.63 20.12
C THR A 137 -24.11 -32.60 20.60
N GLN A 138 -23.20 -33.26 19.86
CA GLN A 138 -21.81 -33.30 20.28
C GLN A 138 -21.17 -31.92 20.27
N GLU A 139 -21.48 -31.11 19.25
CA GLU A 139 -20.89 -29.79 19.15
C GLU A 139 -21.75 -28.91 18.24
N CYS A 140 -21.68 -27.61 18.45
CA CYS A 140 -22.30 -26.62 17.58
C CYS A 140 -21.21 -25.96 16.75
N LEU A 141 -21.20 -26.23 15.44
CA LEU A 141 -20.12 -25.83 14.57
C LEU A 141 -20.22 -24.35 14.23
N ALA A 142 -19.10 -23.64 14.40
CA ALA A 142 -19.01 -22.25 14.02
C ALA A 142 -18.48 -22.12 12.60
N LEU A 143 -18.52 -20.89 12.07
CA LEU A 143 -17.99 -20.66 10.73
C LEU A 143 -16.50 -20.93 10.66
N GLU A 144 -15.74 -20.38 11.61
CA GLU A 144 -14.31 -20.63 11.72
C GLU A 144 -14.04 -21.74 12.71
N PRO A 145 -13.44 -22.86 12.28
CA PRO A 145 -13.12 -23.22 10.90
C PRO A 145 -13.92 -24.42 10.42
N GLY A 146 -14.85 -24.90 11.24
CA GLY A 146 -15.54 -26.15 10.91
C GLY A 146 -16.40 -26.03 9.67
N LEU A 147 -17.16 -24.94 9.55
CA LEU A 147 -18.06 -24.79 8.41
C LEU A 147 -17.27 -24.58 7.12
N ASP A 148 -16.09 -23.97 7.22
CA ASP A 148 -15.25 -23.81 6.03
C ASP A 148 -14.70 -25.16 5.58
N ASP A 149 -14.38 -26.04 6.51
CA ASP A 149 -13.85 -27.36 6.16
C ASP A 149 -14.89 -28.17 5.40
N ILE A 150 -16.16 -28.03 5.76
CA ILE A 150 -17.23 -28.77 5.07
C ILE A 150 -17.32 -28.32 3.61
N MET A 151 -17.24 -27.01 3.38
CA MET A 151 -17.39 -26.49 2.03
C MET A 151 -16.21 -26.82 1.13
N GLU A 152 -15.11 -27.33 1.69
CA GLU A 152 -13.90 -27.53 0.90
C GLU A 152 -13.55 -29.01 0.73
N ASN A 153 -13.70 -29.83 1.77
CA ASN A 153 -13.27 -31.22 1.72
C ASN A 153 -14.43 -32.19 1.89
N SER A 154 -15.61 -31.84 1.40
CA SER A 154 -16.77 -32.72 1.45
C SER A 154 -17.32 -32.92 0.05
N ARG A 155 -17.55 -34.17 -0.32
CA ARG A 155 -18.12 -34.53 -1.61
C ARG A 155 -19.51 -35.13 -1.48
N ASP A 156 -20.24 -34.73 -0.45
CA ASP A 156 -21.60 -35.19 -0.20
C ASP A 156 -22.57 -34.06 -0.56
N TYR A 157 -23.50 -34.34 -1.47
CA TYR A 157 -24.44 -33.31 -1.91
C TYR A 157 -25.35 -32.87 -0.76
N ASN A 158 -25.88 -33.83 0.00
CA ASN A 158 -26.78 -33.48 1.09
C ASN A 158 -26.04 -32.74 2.20
N ARG A 159 -24.81 -33.15 2.50
CA ARG A 159 -24.05 -32.49 3.57
C ARG A 159 -23.75 -31.04 3.20
N ARG A 160 -23.41 -30.78 1.94
CA ARG A 160 -23.14 -29.42 1.51
C ARG A 160 -24.41 -28.57 1.53
N LEU A 161 -25.56 -29.19 1.26
CA LEU A 161 -26.82 -28.44 1.18
C LEU A 161 -27.20 -27.86 2.54
N TRP A 162 -27.19 -28.69 3.59
CA TRP A 162 -27.60 -28.20 4.90
C TRP A 162 -26.59 -27.18 5.45
N ALA A 163 -25.30 -27.40 5.19
CA ALA A 163 -24.29 -26.47 5.66
C ALA A 163 -24.43 -25.11 4.98
N TRP A 164 -24.65 -25.11 3.67
CA TRP A 164 -24.80 -23.85 2.94
C TRP A 164 -26.08 -23.12 3.35
N GLU A 165 -27.19 -23.86 3.46
CA GLU A 165 -28.44 -23.24 3.86
C GLU A 165 -28.41 -22.78 5.31
N GLY A 166 -27.66 -23.49 6.17
CA GLY A 166 -27.62 -23.11 7.57
C GLY A 166 -27.08 -21.71 7.80
N TRP A 167 -26.11 -21.29 6.98
CA TRP A 167 -25.58 -19.93 7.10
C TRP A 167 -26.65 -18.90 6.79
N ARG A 168 -27.40 -19.11 5.71
CA ARG A 168 -28.51 -18.20 5.39
C ARG A 168 -29.64 -18.35 6.40
N ALA A 169 -29.82 -19.56 6.94
CA ALA A 169 -30.88 -19.79 7.91
C ALA A 169 -30.66 -18.98 9.18
N GLU A 170 -29.41 -18.88 9.62
CA GLU A 170 -29.13 -18.17 10.87
C GLU A 170 -28.86 -16.70 10.63
N VAL A 171 -27.81 -16.40 9.86
CA VAL A 171 -27.39 -15.01 9.69
C VAL A 171 -28.37 -14.20 8.84
N GLY A 172 -28.88 -14.78 7.74
CA GLY A 172 -29.72 -14.01 6.84
C GLY A 172 -30.97 -13.48 7.50
N LYS A 173 -31.60 -14.29 8.36
CA LYS A 173 -32.84 -13.87 9.00
C LYS A 173 -32.62 -12.68 9.92
N GLN A 174 -31.55 -12.71 10.71
CA GLN A 174 -31.29 -11.60 11.63
C GLN A 174 -30.74 -10.39 10.91
N LEU A 175 -29.93 -10.60 9.86
CA LEU A 175 -29.31 -9.49 9.15
C LEU A 175 -30.28 -8.74 8.26
N ARG A 176 -31.37 -9.37 7.84
CA ARG A 176 -32.31 -8.71 6.92
C ARG A 176 -32.96 -7.47 7.51
N PRO A 177 -33.54 -7.49 8.73
CA PRO A 177 -34.16 -6.24 9.22
C PRO A 177 -33.19 -5.11 9.40
N LEU A 178 -31.94 -5.40 9.77
CA LEU A 178 -30.98 -4.33 10.03
C LEU A 178 -30.51 -3.68 8.73
N TYR A 179 -30.48 -4.44 7.63
CA TYR A 179 -29.96 -3.90 6.37
C TYR A 179 -30.90 -2.84 5.80
N GLU A 180 -32.19 -2.93 6.10
CA GLU A 180 -33.14 -1.95 5.58
C GLU A 180 -32.83 -0.56 6.09
N GLU A 181 -32.51 -0.42 7.37
CA GLU A 181 -32.13 0.89 7.90
C GLU A 181 -30.73 1.28 7.45
N TYR A 182 -29.89 0.29 7.14
CA TYR A 182 -28.53 0.58 6.71
C TYR A 182 -28.49 1.33 5.40
N VAL A 183 -29.33 0.92 4.45
CA VAL A 183 -29.34 1.56 3.13
C VAL A 183 -29.83 2.99 3.23
N VAL A 184 -30.91 3.22 3.97
CA VAL A 184 -31.51 4.54 4.05
C VAL A 184 -30.56 5.52 4.72
N LEU A 185 -29.91 5.10 5.81
CA LEU A 185 -29.04 5.99 6.57
C LEU A 185 -27.86 6.46 5.74
N GLU A 186 -27.24 5.53 5.00
CA GLU A 186 -26.08 5.92 4.17
C GLU A 186 -26.50 6.80 3.01
N ASN A 187 -27.72 6.60 2.50
CA ASN A 187 -28.19 7.45 1.40
C ASN A 187 -28.33 8.89 1.82
N GLU A 188 -28.72 9.14 3.07
CA GLU A 188 -28.79 10.51 3.56
C GLU A 188 -27.43 11.17 3.60
N MET A 189 -26.39 10.40 3.95
CA MET A 189 -25.05 10.94 4.05
C MET A 189 -24.56 11.43 2.68
N ALA A 190 -24.77 10.62 1.65
CA ALA A 190 -24.33 11.00 0.31
C ALA A 190 -25.15 12.17 -0.23
N ARG A 191 -26.39 12.32 0.24
CA ARG A 191 -27.20 13.44 -0.20
C ARG A 191 -26.61 14.77 0.25
N ALA A 192 -26.08 14.82 1.48
CA ALA A 192 -25.49 16.05 1.98
C ALA A 192 -24.18 16.37 1.25
N ASN A 193 -23.54 15.34 0.68
CA ASN A 193 -22.28 15.55 -0.03
C ASN A 193 -22.48 15.81 -1.51
N ASN A 194 -23.71 16.04 -1.96
CA ASN A 194 -24.12 16.33 -3.32
C ASN A 194 -24.01 15.12 -4.24
N TYR A 195 -23.62 13.95 -3.73
CA TYR A 195 -23.61 12.74 -4.54
C TYR A 195 -25.03 12.25 -4.78
N GLU A 196 -25.21 11.51 -5.87
CA GLU A 196 -26.52 10.98 -6.21
C GLU A 196 -27.01 10.00 -5.15
N ASP A 197 -26.12 9.11 -4.70
CA ASP A 197 -26.46 8.10 -3.70
C ASP A 197 -25.17 7.57 -3.11
N TYR A 198 -25.32 6.65 -2.16
CA TYR A 198 -24.14 6.06 -1.53
C TYR A 198 -23.31 5.29 -2.55
N GLY A 199 -23.95 4.71 -3.56
CA GLY A 199 -23.20 4.03 -4.61
C GLY A 199 -22.32 4.98 -5.39
N ASP A 200 -22.76 6.23 -5.56
CA ASP A 200 -21.96 7.21 -6.27
C ASP A 200 -20.67 7.53 -5.51
N TYR A 201 -20.73 7.49 -4.19
CA TYR A 201 -19.53 7.73 -3.39
C TYR A 201 -18.48 6.65 -3.66
N TRP A 202 -18.91 5.38 -3.73
CA TRP A 202 -17.96 4.29 -3.89
C TRP A 202 -17.22 4.40 -5.22
N ARG A 203 -17.86 4.97 -6.23
CA ARG A 203 -17.21 5.22 -7.50
C ARG A 203 -16.50 6.56 -7.55
N GLY A 204 -16.53 7.33 -6.47
CA GLY A 204 -15.90 8.66 -6.49
C GLY A 204 -14.39 8.60 -6.52
N ASP A 205 -13.81 7.50 -6.07
CA ASP A 205 -12.35 7.36 -6.08
C ASP A 205 -11.78 7.24 -7.49
N TYR A 206 -12.61 6.88 -8.47
CA TYR A 206 -12.16 6.72 -9.84
C TYR A 206 -12.32 7.98 -10.67
N GLU A 207 -12.79 9.06 -10.08
CA GLU A 207 -13.12 10.28 -10.80
C GLU A 207 -11.96 11.26 -10.75
N VAL A 208 -11.55 11.74 -11.92
CA VAL A 208 -10.62 12.85 -12.05
C VAL A 208 -11.26 13.89 -12.96
N THR A 209 -11.31 15.15 -12.51
CA THR A 209 -11.99 16.20 -13.24
C THR A 209 -11.13 17.44 -13.27
N GLU A 210 -10.59 17.76 -14.46
CA GLU A 210 -9.73 18.92 -14.71
C GLU A 210 -9.18 18.86 -16.13
N ALA A 211 -8.12 18.09 -16.33
CA ALA A 211 -7.53 17.96 -17.65
C ALA A 211 -8.50 17.27 -18.60
N GLY A 212 -8.92 17.99 -19.65
CA GLY A 212 -9.92 17.45 -20.56
C GLY A 212 -9.47 16.19 -21.26
N ASP A 213 -8.17 16.06 -21.50
CA ASP A 213 -7.66 14.87 -22.16
C ASP A 213 -7.62 13.67 -21.21
N TYR A 214 -7.45 13.93 -19.92
CA TYR A 214 -7.23 12.87 -18.94
C TYR A 214 -8.36 12.73 -17.93
N ASP A 215 -9.42 13.54 -18.05
CA ASP A 215 -10.46 13.50 -17.03
C ASP A 215 -11.29 12.22 -17.15
N TYR A 216 -11.94 11.86 -16.05
CA TYR A 216 -12.82 10.71 -16.00
C TYR A 216 -14.18 11.18 -15.48
N SER A 217 -15.12 10.24 -15.39
CA SER A 217 -16.45 10.53 -14.87
C SER A 217 -16.87 9.44 -13.90
N ARG A 218 -17.62 9.84 -12.87
CA ARG A 218 -18.20 8.86 -11.96
C ARG A 218 -19.18 7.95 -12.68
N ASP A 219 -20.00 8.52 -13.58
CA ASP A 219 -20.92 7.71 -14.37
C ASP A 219 -20.16 6.85 -15.38
N GLN A 220 -19.00 7.32 -15.84
CA GLN A 220 -18.23 6.55 -16.82
C GLN A 220 -17.69 5.26 -16.23
N LEU A 221 -17.67 5.12 -14.90
CA LEU A 221 -17.33 3.82 -14.32
C LEU A 221 -18.37 2.78 -14.71
N MET A 222 -19.64 3.16 -14.70
CA MET A 222 -20.67 2.36 -15.35
C MET A 222 -20.51 2.48 -16.86
N LYS A 223 -21.09 1.52 -17.59
CA LYS A 223 -20.92 1.40 -19.03
C LYS A 223 -19.46 1.22 -19.41
N ASP A 224 -18.61 0.96 -18.41
CA ASP A 224 -17.22 0.59 -18.70
C ASP A 224 -16.91 -0.79 -18.13
N VAL A 225 -17.33 -1.04 -16.88
CA VAL A 225 -17.21 -2.37 -16.32
C VAL A 225 -18.03 -3.37 -17.12
N GLU A 226 -19.21 -2.95 -17.59
CA GLU A 226 -20.05 -3.83 -18.39
C GLU A 226 -19.40 -4.10 -19.75
N ASN A 227 -18.88 -3.07 -20.40
CA ASN A 227 -18.33 -3.24 -21.74
C ASN A 227 -17.12 -4.16 -21.75
N THR A 228 -16.22 -4.00 -20.76
CA THR A 228 -15.08 -4.90 -20.68
C THR A 228 -15.47 -6.30 -20.25
N PHE A 229 -16.67 -6.47 -19.69
CA PHE A 229 -17.13 -7.81 -19.33
C PHE A 229 -17.64 -8.56 -20.55
N ALA A 230 -17.92 -7.86 -21.65
CA ALA A 230 -18.47 -8.51 -22.84
C ALA A 230 -17.46 -9.49 -23.44
N GLU A 231 -16.20 -9.09 -23.54
CA GLU A 231 -15.20 -9.96 -24.14
C GLU A 231 -14.82 -11.10 -23.19
N ILE A 232 -15.03 -10.89 -21.89
CA ILE A 232 -14.73 -11.93 -20.92
C ILE A 232 -15.69 -13.11 -21.08
N LYS A 233 -16.96 -12.83 -21.40
CA LYS A 233 -17.97 -13.88 -21.44
C LYS A 233 -17.61 -15.05 -22.36
N PRO A 234 -17.06 -14.85 -23.57
CA PRO A 234 -16.64 -16.01 -24.37
C PRO A 234 -15.68 -16.93 -23.62
N LEU A 235 -14.77 -16.34 -22.84
CA LEU A 235 -13.87 -17.14 -22.02
C LEU A 235 -14.61 -17.80 -20.86
N TYR A 236 -15.52 -17.07 -20.23
CA TYR A 236 -16.22 -17.62 -19.07
C TYR A 236 -17.18 -18.73 -19.47
N GLU A 237 -17.97 -18.51 -20.53
CA GLU A 237 -18.95 -19.51 -20.94
C GLU A 237 -18.26 -20.80 -21.36
N GLN A 238 -17.14 -20.71 -22.08
CA GLN A 238 -16.38 -21.90 -22.42
C GLN A 238 -15.82 -22.57 -21.17
N LEU A 239 -15.34 -21.77 -20.22
CA LEU A 239 -14.90 -22.34 -18.94
C LEU A 239 -16.07 -22.84 -18.12
N HIS A 240 -17.25 -22.25 -18.31
CA HIS A 240 -18.42 -22.62 -17.51
C HIS A 240 -18.82 -24.07 -17.74
N ALA A 241 -18.86 -24.48 -19.01
CA ALA A 241 -19.38 -25.81 -19.35
C ALA A 241 -18.35 -26.89 -19.03
N TYR A 242 -17.06 -26.57 -19.13
CA TYR A 242 -16.03 -27.60 -18.92
C TYR A 242 -16.08 -28.16 -17.51
N VAL A 243 -16.25 -27.29 -16.51
CA VAL A 243 -16.35 -27.75 -15.13
C VAL A 243 -17.59 -28.61 -14.93
N ARG A 244 -18.66 -28.35 -15.69
CA ARG A 244 -19.87 -29.16 -15.58
C ARG A 244 -19.61 -30.60 -15.95
N ALA A 245 -18.84 -30.83 -17.02
CA ALA A 245 -18.63 -32.19 -17.52
C ALA A 245 -17.90 -33.05 -16.49
N LYS A 246 -16.88 -32.49 -15.84
CA LYS A 246 -16.14 -33.25 -14.85
C LYS A 246 -16.99 -33.53 -13.62
N LEU A 247 -17.89 -32.59 -13.28
CA LEU A 247 -18.77 -32.81 -12.14
C LEU A 247 -19.83 -33.86 -12.46
N MET A 248 -20.06 -34.14 -13.74
CA MET A 248 -20.99 -35.19 -14.11
C MET A 248 -20.51 -36.56 -13.65
N ASP A 249 -19.20 -36.81 -13.73
CA ASP A 249 -18.68 -38.11 -13.35
C ASP A 249 -18.91 -38.39 -11.88
N THR A 250 -18.68 -37.39 -11.02
CA THR A 250 -18.92 -37.57 -9.59
C THR A 250 -20.40 -37.57 -9.27
N TYR A 251 -21.16 -36.67 -9.88
CA TYR A 251 -22.58 -36.51 -9.59
C TYR A 251 -23.39 -36.76 -10.86
N PRO A 252 -23.82 -38.01 -11.10
CA PRO A 252 -24.48 -38.30 -12.39
C PRO A 252 -25.89 -37.73 -12.50
N SER A 253 -26.70 -37.84 -11.45
CA SER A 253 -28.12 -37.57 -11.54
C SER A 253 -28.54 -36.29 -10.81
N TYR A 254 -27.62 -35.36 -10.58
CA TYR A 254 -27.95 -34.12 -9.89
C TYR A 254 -27.70 -32.87 -10.72
N ILE A 255 -27.02 -32.98 -11.86
CA ILE A 255 -26.71 -31.86 -12.72
C ILE A 255 -27.33 -32.11 -14.09
N SER A 256 -28.08 -31.15 -14.59
CA SER A 256 -28.68 -31.28 -15.91
C SER A 256 -27.59 -31.19 -16.98
N PRO A 257 -27.74 -31.88 -18.12
CA PRO A 257 -26.77 -31.75 -19.21
C PRO A 257 -26.54 -30.31 -19.65
N THR A 258 -27.57 -29.48 -19.68
CA THR A 258 -27.44 -28.08 -20.05
C THR A 258 -27.89 -27.13 -18.95
N GLY A 259 -28.06 -27.60 -17.71
CA GLY A 259 -28.52 -26.75 -16.64
C GLY A 259 -27.39 -26.04 -15.92
N CYS A 260 -27.77 -25.22 -14.94
CA CYS A 260 -26.82 -24.48 -14.14
C CYS A 260 -26.35 -25.31 -12.94
N LEU A 261 -25.12 -25.06 -12.52
CA LEU A 261 -24.58 -25.78 -11.37
C LEU A 261 -25.20 -25.26 -10.08
N PRO A 262 -25.39 -26.11 -9.08
CA PRO A 262 -25.88 -25.62 -7.77
C PRO A 262 -24.88 -24.67 -7.14
N ALA A 263 -25.40 -23.70 -6.38
CA ALA A 263 -24.53 -22.70 -5.77
C ALA A 263 -23.57 -23.31 -4.77
N HIS A 264 -24.04 -24.27 -3.96
CA HIS A 264 -23.21 -24.82 -2.91
C HIS A 264 -22.08 -25.68 -3.47
N LEU A 265 -22.16 -26.04 -4.74
CA LEU A 265 -21.19 -26.95 -5.36
C LEU A 265 -20.05 -26.22 -6.05
N LEU A 266 -20.00 -24.89 -5.95
CA LEU A 266 -18.95 -24.13 -6.63
C LEU A 266 -17.58 -24.38 -6.01
N GLY A 267 -17.54 -24.68 -4.71
CA GLY A 267 -16.29 -24.93 -4.03
C GLY A 267 -16.13 -24.16 -2.74
N ASP A 268 -16.77 -23.00 -2.67
CA ASP A 268 -16.77 -22.19 -1.45
C ASP A 268 -18.21 -21.89 -1.08
N MET A 269 -18.37 -21.23 0.08
CA MET A 269 -19.71 -20.92 0.57
C MET A 269 -20.42 -19.95 -0.37
N TRP A 270 -19.71 -18.95 -0.87
CA TRP A 270 -20.29 -17.93 -1.72
C TRP A 270 -19.88 -18.04 -3.18
N GLY A 271 -18.97 -18.96 -3.50
CA GLY A 271 -18.51 -19.12 -4.86
C GLY A 271 -17.60 -18.02 -5.37
N ARG A 272 -17.03 -17.20 -4.47
CA ARG A 272 -16.14 -16.13 -4.90
C ARG A 272 -14.87 -16.67 -5.53
N PHE A 273 -14.49 -17.91 -5.24
CA PHE A 273 -13.35 -18.55 -5.87
C PHE A 273 -13.71 -19.98 -6.24
N TRP A 274 -13.03 -20.48 -7.26
CA TRP A 274 -13.21 -21.87 -7.71
C TRP A 274 -11.93 -22.68 -7.54
N THR A 275 -11.01 -22.20 -6.68
CA THR A 275 -9.69 -22.83 -6.57
C THR A 275 -9.78 -24.26 -6.06
N ASN A 276 -10.84 -24.62 -5.34
CA ASN A 276 -10.95 -25.93 -4.73
C ASN A 276 -11.54 -26.98 -5.67
N LEU A 277 -11.82 -26.61 -6.92
CA LEU A 277 -12.31 -27.55 -7.91
C LEU A 277 -11.19 -28.23 -8.69
N TYR A 278 -9.92 -27.91 -8.37
CA TYR A 278 -8.81 -28.47 -9.13
C TYR A 278 -8.73 -29.99 -8.97
N SER A 279 -8.96 -30.49 -7.75
CA SER A 279 -8.90 -31.93 -7.53
C SER A 279 -9.97 -32.66 -8.34
N LEU A 280 -11.17 -32.10 -8.40
CA LEU A 280 -12.25 -32.78 -9.11
C LEU A 280 -12.08 -32.69 -10.63
N THR A 281 -11.67 -31.52 -11.12
CA THR A 281 -11.66 -31.28 -12.56
C THR A 281 -10.25 -31.13 -13.12
N VAL A 282 -9.32 -31.92 -12.63
CA VAL A 282 -7.94 -31.86 -13.13
C VAL A 282 -7.92 -32.43 -14.54
N PRO A 283 -7.17 -31.81 -15.48
CA PRO A 283 -7.12 -32.37 -16.84
C PRO A 283 -6.42 -33.72 -16.92
N PHE A 284 -5.20 -33.80 -16.39
CA PHE A 284 -4.40 -35.02 -16.47
C PHE A 284 -3.96 -35.39 -15.06
N LYS A 285 -4.48 -36.52 -14.55
CA LYS A 285 -4.13 -36.94 -13.20
C LYS A 285 -2.71 -37.48 -13.13
N HIS A 286 -2.26 -38.15 -14.20
CA HIS A 286 -0.95 -38.81 -14.17
C HIS A 286 0.19 -37.80 -14.05
N LYS A 287 0.11 -36.69 -14.79
CA LYS A 287 1.22 -35.75 -14.83
C LYS A 287 1.28 -34.96 -13.52
N PRO A 288 2.40 -35.03 -12.80
CA PRO A 288 2.53 -34.26 -11.57
C PRO A 288 2.67 -32.77 -11.85
N SER A 289 2.27 -31.96 -10.87
CA SER A 289 2.40 -30.52 -10.93
C SER A 289 3.80 -30.12 -10.46
N ILE A 290 4.25 -28.95 -10.93
CA ILE A 290 5.58 -28.47 -10.56
C ILE A 290 5.60 -28.07 -9.10
N ASP A 291 6.65 -28.49 -8.39
CA ASP A 291 6.80 -28.19 -6.97
C ASP A 291 8.25 -28.45 -6.58
N VAL A 292 8.84 -27.50 -5.85
CA VAL A 292 10.24 -27.60 -5.43
C VAL A 292 10.38 -27.73 -3.93
N THR A 293 9.27 -27.99 -3.21
CA THR A 293 9.34 -28.11 -1.76
C THR A 293 10.21 -29.30 -1.35
N GLU A 294 10.09 -30.41 -2.07
CA GLU A 294 10.84 -31.61 -1.71
C GLU A 294 12.35 -31.39 -1.88
N LYS A 295 12.74 -30.58 -2.86
CA LYS A 295 14.15 -30.26 -3.07
C LYS A 295 14.57 -28.97 -2.39
N MET A 296 13.63 -28.19 -1.87
CA MET A 296 13.99 -27.04 -1.05
C MET A 296 14.58 -27.48 0.28
N LYS A 297 14.08 -28.59 0.83
CA LYS A 297 14.64 -29.14 2.06
C LYS A 297 16.08 -29.58 1.85
N ASN A 298 16.38 -30.10 0.66
CA ASN A 298 17.77 -30.38 0.30
C ASN A 298 18.55 -29.07 0.23
N GLN A 299 19.86 -29.16 0.46
CA GLN A 299 20.76 -28.01 0.60
C GLN A 299 20.42 -27.16 1.81
N SER A 300 19.42 -27.57 2.60
CA SER A 300 19.07 -26.94 3.86
C SER A 300 18.81 -25.45 3.72
N TRP A 301 17.81 -25.07 2.91
CA TRP A 301 17.43 -23.67 2.82
C TRP A 301 16.77 -23.22 4.13
N ASP A 302 17.06 -21.99 4.52
CA ASP A 302 16.53 -21.43 5.76
C ASP A 302 15.62 -20.27 5.43
N ALA A 303 15.03 -19.69 6.48
CA ALA A 303 14.04 -18.64 6.30
C ALA A 303 14.66 -17.38 5.68
N GLU A 304 15.86 -17.01 6.09
CA GLU A 304 16.48 -15.79 5.60
C GLU A 304 17.00 -15.92 4.17
N ARG A 305 17.21 -17.13 3.67
CA ARG A 305 17.67 -17.29 2.29
C ARG A 305 16.59 -16.88 1.30
N ILE A 306 15.33 -17.20 1.62
CA ILE A 306 14.23 -16.91 0.70
C ILE A 306 14.11 -15.41 0.47
N PHE A 307 14.15 -14.64 1.56
CA PHE A 307 14.07 -13.18 1.42
C PHE A 307 15.33 -12.62 0.78
N LYS A 308 16.50 -13.15 1.15
CA LYS A 308 17.74 -12.67 0.56
C LYS A 308 17.80 -12.99 -0.93
N GLU A 309 17.35 -14.18 -1.32
CA GLU A 309 17.32 -14.53 -2.73
C GLU A 309 16.31 -13.67 -3.49
N ALA A 310 15.12 -13.48 -2.91
CA ALA A 310 14.07 -12.73 -3.61
C ALA A 310 14.46 -11.27 -3.81
N GLU A 311 15.48 -10.81 -3.08
CA GLU A 311 16.00 -9.46 -3.32
C GLU A 311 16.70 -9.37 -4.66
N LYS A 312 17.41 -10.44 -5.06
CA LYS A 312 18.17 -10.40 -6.31
C LYS A 312 17.24 -10.24 -7.52
N PHE A 313 15.98 -10.64 -7.37
CA PHE A 313 15.01 -10.42 -8.44
C PHE A 313 14.83 -8.94 -8.72
N PHE A 314 14.79 -8.13 -7.66
CA PHE A 314 14.60 -6.70 -7.84
C PHE A 314 15.91 -5.99 -8.13
N VAL A 315 17.03 -6.55 -7.71
CA VAL A 315 18.32 -5.96 -8.05
C VAL A 315 18.61 -6.12 -9.54
N SER A 316 18.33 -7.31 -10.09
CA SER A 316 18.61 -7.57 -11.49
C SER A 316 17.72 -6.73 -12.40
N ILE A 317 16.56 -6.32 -11.90
CA ILE A 317 15.64 -5.49 -12.67
C ILE A 317 15.98 -4.02 -12.43
N SER A 318 17.09 -3.79 -11.74
CA SER A 318 17.67 -2.48 -11.44
C SER A 318 16.85 -1.67 -10.44
N LEU A 319 15.99 -2.32 -9.66
CA LEU A 319 15.29 -1.65 -8.57
C LEU A 319 16.21 -1.51 -7.37
N PRO A 320 15.93 -0.54 -6.49
CA PRO A 320 16.85 -0.28 -5.38
C PRO A 320 16.95 -1.45 -4.40
N HIS A 321 18.09 -1.49 -3.72
CA HIS A 321 18.38 -2.49 -2.71
C HIS A 321 17.48 -2.33 -1.50
N MET A 322 17.67 -3.21 -0.52
CA MET A 322 16.92 -3.15 0.72
C MET A 322 17.70 -2.41 1.80
N THR A 323 16.97 -1.60 2.57
CA THR A 323 17.55 -0.79 3.63
C THR A 323 18.06 -1.69 4.75
N GLN A 324 19.08 -1.19 5.46
CA GLN A 324 19.65 -1.95 6.57
C GLN A 324 18.69 -2.14 7.72
N GLY A 325 17.69 -1.27 7.86
CA GLY A 325 16.71 -1.45 8.92
C GLY A 325 15.70 -2.54 8.58
N PHE A 326 15.68 -2.98 7.32
CA PHE A 326 14.78 -4.05 6.92
C PHE A 326 15.27 -5.41 7.43
N TRP A 327 16.58 -5.65 7.32
CA TRP A 327 17.09 -7.00 7.58
C TRP A 327 17.12 -7.32 9.07
N ASP A 328 17.04 -6.31 9.92
CA ASP A 328 16.92 -6.49 11.36
C ASP A 328 15.60 -5.89 11.80
N ASN A 329 15.20 -6.15 13.04
CA ASN A 329 13.99 -5.60 13.64
C ASN A 329 12.73 -5.91 12.83
N SER A 330 12.83 -6.87 11.91
CA SER A 330 11.70 -7.29 11.09
C SER A 330 11.34 -8.74 11.40
N MET A 331 10.05 -9.04 11.28
CA MET A 331 9.52 -10.37 11.60
C MET A 331 9.63 -11.26 10.37
N LEU A 332 10.67 -12.07 10.31
CA LEU A 332 10.90 -12.97 9.19
C LEU A 332 10.71 -14.44 9.55
N THR A 333 10.28 -14.74 10.77
CA THR A 333 10.00 -16.11 11.17
C THR A 333 9.16 -16.11 12.43
N GLU A 334 8.56 -17.25 12.73
CA GLU A 334 7.74 -17.37 13.92
C GLU A 334 8.61 -17.29 15.17
N PRO A 335 8.25 -16.46 16.14
CA PRO A 335 9.09 -16.30 17.34
C PRO A 335 9.11 -17.58 18.16
N GLY A 336 10.25 -17.82 18.82
CA GLY A 336 10.40 -18.94 19.71
C GLY A 336 10.19 -18.62 21.18
N ASP A 337 9.73 -17.42 21.50
CA ASP A 337 9.52 -16.99 22.87
C ASP A 337 8.08 -17.16 23.33
N GLY A 338 7.22 -17.76 22.51
CA GLY A 338 5.83 -17.98 22.87
C GLY A 338 4.95 -16.77 22.76
N ARG A 339 5.43 -15.66 22.18
CA ARG A 339 4.64 -14.46 22.07
C ARG A 339 3.51 -14.66 21.06
N LYS A 340 2.28 -14.41 21.51
CA LYS A 340 1.13 -14.53 20.62
C LYS A 340 1.18 -13.48 19.53
N VAL A 341 0.95 -13.91 18.29
CA VAL A 341 1.05 -13.06 17.12
C VAL A 341 -0.14 -13.33 16.20
N VAL A 342 -0.37 -12.40 15.28
CA VAL A 342 -1.24 -12.62 14.13
C VAL A 342 -0.36 -13.03 12.96
N CYS A 343 -0.63 -14.22 12.41
CA CYS A 343 0.30 -14.86 11.51
C CYS A 343 0.03 -14.51 10.04
N HIS A 344 -1.04 -13.77 9.76
CA HIS A 344 -1.33 -13.38 8.39
C HIS A 344 -0.23 -12.47 7.86
N PRO A 345 0.42 -12.82 6.74
CA PRO A 345 1.49 -11.98 6.20
C PRO A 345 0.99 -10.59 5.84
N THR A 346 1.84 -9.59 6.09
CA THR A 346 1.52 -8.21 5.79
C THR A 346 2.80 -7.46 5.46
N ALA A 347 2.66 -6.39 4.68
CA ALA A 347 3.76 -5.51 4.33
C ALA A 347 3.50 -4.13 4.91
N TRP A 348 4.24 -3.76 5.95
CA TRP A 348 4.01 -2.54 6.69
C TRP A 348 4.88 -1.41 6.14
N ASP A 349 4.31 -0.21 6.10
CA ASP A 349 5.05 1.01 5.78
C ASP A 349 4.78 1.97 6.94
N LEU A 350 5.61 1.88 7.98
CA LEU A 350 5.41 2.68 9.18
C LEU A 350 5.58 4.17 8.89
N GLY A 351 6.41 4.51 7.90
CA GLY A 351 6.68 5.89 7.58
C GLY A 351 7.99 6.36 8.19
N LYS A 352 8.37 7.58 7.82
CA LYS A 352 9.62 8.20 8.25
C LYS A 352 10.83 7.37 7.88
N GLY A 353 10.74 6.57 6.82
CA GLY A 353 11.86 5.81 6.32
C GLY A 353 11.99 4.40 6.82
N ASP A 354 10.99 3.87 7.53
CA ASP A 354 11.04 2.53 8.09
C ASP A 354 10.11 1.61 7.31
N PHE A 355 10.65 0.51 6.80
CA PHE A 355 9.89 -0.49 6.06
C PHE A 355 10.15 -1.86 6.68
N ARG A 356 9.07 -2.60 6.93
CA ARG A 356 9.18 -3.89 7.58
C ARG A 356 8.22 -4.88 6.91
N ILE A 357 8.53 -6.17 7.06
CA ILE A 357 7.69 -7.25 6.59
C ILE A 357 7.42 -8.19 7.74
N LYS A 358 6.15 -8.54 7.93
CA LYS A 358 5.70 -9.44 8.98
C LYS A 358 4.98 -10.61 8.34
N MET A 359 5.64 -11.76 8.28
CA MET A 359 5.06 -12.93 7.63
C MET A 359 5.52 -14.21 8.31
N CYS A 360 4.69 -15.24 8.19
CA CYS A 360 4.95 -16.56 8.78
C CYS A 360 5.79 -17.35 7.79
N THR A 361 7.11 -17.21 7.89
CA THR A 361 7.97 -17.85 6.90
C THR A 361 8.16 -19.32 7.21
N LYS A 362 7.74 -20.16 6.27
CA LYS A 362 8.00 -21.59 6.31
C LYS A 362 8.74 -21.98 5.03
N VAL A 363 9.29 -23.18 5.02
CA VAL A 363 10.00 -23.69 3.86
C VAL A 363 9.00 -24.43 2.98
N THR A 364 8.27 -23.70 2.14
CA THR A 364 7.32 -24.28 1.20
C THR A 364 7.46 -23.56 -0.12
N MET A 365 6.69 -24.00 -1.12
CA MET A 365 6.62 -23.29 -2.39
C MET A 365 5.81 -22.00 -2.26
N ASP A 366 4.69 -22.05 -1.55
CA ASP A 366 3.81 -20.90 -1.44
C ASP A 366 4.52 -19.72 -0.78
N ASP A 367 5.27 -20.00 0.29
CA ASP A 367 5.96 -18.92 1.00
C ASP A 367 7.06 -18.33 0.13
N PHE A 368 7.64 -19.12 -0.77
CA PHE A 368 8.61 -18.58 -1.73
C PHE A 368 7.94 -17.60 -2.67
N LEU A 369 6.73 -17.92 -3.14
CA LEU A 369 6.02 -17.02 -4.05
C LEU A 369 5.53 -15.77 -3.32
N THR A 370 4.99 -15.93 -2.12
CA THR A 370 4.54 -14.78 -1.35
C THR A 370 5.68 -13.90 -0.88
N ALA A 371 6.91 -14.43 -0.81
CA ALA A 371 8.05 -13.59 -0.49
C ALA A 371 8.28 -12.55 -1.57
N HIS A 372 7.98 -12.89 -2.82
CA HIS A 372 8.08 -11.90 -3.90
C HIS A 372 6.89 -10.95 -3.88
N HIS A 373 5.70 -11.45 -3.54
CA HIS A 373 4.52 -10.58 -3.51
C HIS A 373 4.62 -9.53 -2.42
N GLU A 374 4.93 -9.94 -1.19
CA GLU A 374 5.00 -8.99 -0.08
C GLU A 374 6.13 -7.99 -0.29
N MET A 375 7.26 -8.45 -0.82
CA MET A 375 8.36 -7.54 -1.11
C MET A 375 7.99 -6.59 -2.25
N GLY A 376 7.07 -7.01 -3.12
CA GLY A 376 6.62 -6.13 -4.18
C GLY A 376 5.91 -4.90 -3.66
N HIS A 377 5.15 -5.05 -2.58
CA HIS A 377 4.49 -3.90 -1.96
C HIS A 377 5.51 -2.93 -1.40
N ILE A 378 6.61 -3.45 -0.84
CA ILE A 378 7.62 -2.59 -0.23
C ILE A 378 8.28 -1.70 -1.28
N GLN A 379 8.60 -2.26 -2.45
CA GLN A 379 9.25 -1.45 -3.48
C GLN A 379 8.36 -0.32 -3.97
N TYR A 380 7.04 -0.54 -3.98
CA TYR A 380 6.11 0.55 -4.27
C TYR A 380 6.17 1.60 -3.18
N ASP A 381 6.25 1.19 -1.92
CA ASP A 381 6.27 2.15 -0.82
C ASP A 381 7.49 3.05 -0.87
N MET A 382 8.64 2.49 -1.26
CA MET A 382 9.85 3.30 -1.35
C MET A 382 9.76 4.32 -2.47
N ALA A 383 9.08 3.96 -3.56
CA ALA A 383 9.12 4.78 -4.78
C ALA A 383 8.54 6.17 -4.54
N TYR A 384 7.40 6.26 -3.86
CA TYR A 384 6.75 7.54 -3.63
C TYR A 384 7.08 8.14 -2.27
N ALA A 385 8.24 7.81 -1.70
CA ALA A 385 8.60 8.36 -0.40
C ALA A 385 8.88 9.86 -0.49
N ALA A 386 9.24 10.34 -1.68
CA ALA A 386 9.55 11.76 -1.83
C ALA A 386 8.30 12.62 -1.83
N GLN A 387 7.15 12.05 -2.18
CA GLN A 387 5.92 12.82 -2.27
C GLN A 387 5.43 13.22 -0.88
N PRO A 388 4.62 14.27 -0.80
CA PRO A 388 4.02 14.65 0.49
C PRO A 388 3.23 13.50 1.10
N TYR A 389 2.85 13.68 2.36
CA TYR A 389 2.18 12.61 3.09
C TYR A 389 0.83 12.27 2.46
N LEU A 390 0.08 13.30 2.03
CA LEU A 390 -1.26 13.09 1.52
C LEU A 390 -1.27 12.37 0.19
N LEU A 391 -0.13 12.22 -0.49
CA LEU A 391 -0.07 11.58 -1.78
C LEU A 391 0.76 10.30 -1.75
N ARG A 392 0.93 9.70 -0.57
CA ARG A 392 1.68 8.45 -0.42
C ARG A 392 0.69 7.29 -0.50
N ASP A 393 0.20 7.02 -1.70
CA ASP A 393 -0.74 5.93 -1.93
C ASP A 393 -0.68 5.56 -3.41
N GLY A 394 -1.28 4.43 -3.73
CA GLY A 394 -1.40 4.04 -5.13
C GLY A 394 -2.32 4.97 -5.88
N ALA A 395 -2.19 4.97 -7.21
CA ALA A 395 -2.95 5.90 -8.05
C ALA A 395 -4.45 5.78 -7.78
N ASN A 396 -4.94 4.55 -7.67
CA ASN A 396 -6.30 4.30 -7.18
C ASN A 396 -6.27 3.13 -6.22
N GLU A 397 -7.44 2.61 -5.86
CA GLU A 397 -7.52 1.51 -4.91
C GLU A 397 -7.12 0.17 -5.50
N GLY A 398 -6.89 0.09 -6.81
CA GLY A 398 -6.52 -1.15 -7.45
C GLY A 398 -5.09 -1.26 -7.92
N PHE A 399 -4.30 -0.19 -7.82
CA PHE A 399 -2.93 -0.22 -8.34
C PHE A 399 -2.00 -0.99 -7.41
N HIS A 400 -2.21 -0.88 -6.10
CA HIS A 400 -1.23 -1.41 -5.14
C HIS A 400 -1.14 -2.92 -5.21
N GLU A 401 -2.28 -3.61 -5.20
CA GLU A 401 -2.25 -5.07 -5.23
C GLU A 401 -1.87 -5.59 -6.61
N ALA A 402 -2.14 -4.81 -7.67
CA ALA A 402 -1.78 -5.25 -9.00
C ALA A 402 -0.27 -5.28 -9.19
N VAL A 403 0.45 -4.32 -8.59
CA VAL A 403 1.89 -4.24 -8.75
C VAL A 403 2.57 -5.47 -8.16
N GLY A 404 2.15 -5.88 -6.96
CA GLY A 404 2.80 -7.00 -6.31
C GLY A 404 2.47 -8.33 -6.94
N GLU A 405 1.35 -8.41 -7.65
CA GLU A 405 0.92 -9.69 -8.21
C GLU A 405 1.77 -10.10 -9.40
N ILE A 406 2.18 -9.12 -10.23
CA ILE A 406 2.94 -9.45 -11.42
C ILE A 406 4.30 -10.04 -11.06
N MET A 407 4.82 -9.69 -9.89
CA MET A 407 6.07 -10.28 -9.44
C MET A 407 5.89 -11.74 -9.07
N SER A 408 4.70 -12.11 -8.60
CA SER A 408 4.43 -13.51 -8.28
C SER A 408 4.36 -14.36 -9.55
N LEU A 409 3.91 -13.76 -10.65
CA LEU A 409 3.81 -14.50 -11.91
C LEU A 409 5.17 -14.94 -12.42
N SER A 410 6.16 -14.05 -12.36
CA SER A 410 7.48 -14.37 -12.90
C SER A 410 8.16 -15.47 -12.09
N ALA A 411 8.04 -15.43 -10.77
CA ALA A 411 8.71 -16.42 -9.93
C ALA A 411 8.14 -17.81 -10.15
N ALA A 412 6.87 -17.90 -10.57
CA ALA A 412 6.26 -19.20 -10.79
C ALA A 412 6.80 -19.85 -12.06
N THR A 413 7.29 -19.05 -13.00
CA THR A 413 7.76 -19.59 -14.27
C THR A 413 8.99 -20.46 -14.05
N PRO A 414 9.10 -21.61 -14.73
CA PRO A 414 10.28 -22.46 -14.56
C PRO A 414 11.58 -21.81 -14.97
N HIS A 415 11.54 -20.82 -15.87
CA HIS A 415 12.78 -20.19 -16.31
C HIS A 415 13.50 -19.51 -15.16
N TYR A 416 12.76 -18.77 -14.32
CA TYR A 416 13.37 -18.18 -13.12
C TYR A 416 13.81 -19.27 -12.15
N LEU A 417 13.01 -20.32 -12.01
CA LEU A 417 13.35 -21.40 -11.10
C LEU A 417 14.57 -22.18 -11.60
N LYS A 418 14.70 -22.34 -12.91
CA LYS A 418 15.82 -23.09 -13.47
C LYS A 418 17.13 -22.35 -13.24
N ALA A 419 17.11 -21.02 -13.29
CA ALA A 419 18.33 -20.25 -13.08
C ALA A 419 18.84 -20.42 -11.65
N LEU A 420 17.97 -20.83 -10.73
CA LEU A 420 18.38 -21.03 -9.35
C LEU A 420 18.90 -22.44 -9.09
N GLY A 421 18.75 -23.34 -10.07
CA GLY A 421 19.11 -24.73 -9.85
C GLY A 421 18.21 -25.47 -8.87
N LEU A 422 17.04 -24.89 -8.53
CA LEU A 422 16.14 -25.56 -7.60
C LEU A 422 15.63 -26.88 -8.16
N LEU A 423 15.27 -26.90 -9.44
CA LEU A 423 14.85 -28.13 -10.10
C LEU A 423 15.98 -28.64 -10.99
N GLU A 424 15.66 -29.68 -11.77
CA GLU A 424 16.64 -30.27 -12.66
C GLU A 424 17.06 -29.27 -13.74
N PRO A 425 18.36 -29.18 -14.03
CA PRO A 425 18.82 -28.21 -15.04
C PRO A 425 18.32 -28.50 -16.44
N ASP A 426 17.88 -29.73 -16.71
CA ASP A 426 17.45 -30.14 -18.05
C ASP A 426 16.06 -30.78 -17.95
N PHE A 427 15.16 -30.11 -17.25
CA PHE A 427 13.80 -30.60 -17.13
C PHE A 427 13.09 -30.50 -18.49
N TYR A 428 12.13 -31.39 -18.69
CA TYR A 428 11.41 -31.52 -19.96
C TYR A 428 10.09 -30.79 -19.84
N GLU A 429 9.84 -29.85 -20.75
CA GLU A 429 8.58 -29.13 -20.76
C GLU A 429 7.56 -29.87 -21.62
N ASP A 430 6.33 -29.95 -21.14
CA ASP A 430 5.24 -30.64 -21.84
C ASP A 430 3.99 -29.80 -21.73
N ASN A 431 3.20 -29.79 -22.81
CA ASN A 431 1.98 -28.99 -22.79
C ASN A 431 0.94 -29.56 -21.83
N GLU A 432 1.09 -30.83 -21.46
CA GLU A 432 0.16 -31.44 -20.53
C GLU A 432 0.24 -30.80 -19.14
N THR A 433 1.46 -30.60 -18.64
CA THR A 433 1.62 -30.00 -17.32
C THR A 433 1.39 -28.49 -17.37
N GLU A 434 1.73 -27.86 -18.50
CA GLU A 434 1.44 -26.43 -18.64
C GLU A 434 -0.06 -26.18 -18.67
N ILE A 435 -0.82 -27.02 -19.36
CA ILE A 435 -2.28 -26.93 -19.31
C ILE A 435 -2.76 -27.21 -17.88
N ASN A 436 -2.12 -28.17 -17.21
CA ASN A 436 -2.45 -28.45 -15.81
C ASN A 436 -2.24 -27.22 -14.95
N PHE A 437 -1.24 -26.39 -15.26
CA PHE A 437 -0.97 -25.20 -14.48
C PHE A 437 -1.95 -24.08 -14.80
N LEU A 438 -2.42 -24.00 -16.04
CA LEU A 438 -3.30 -22.90 -16.44
C LEU A 438 -4.70 -23.06 -15.86
N LEU A 439 -5.24 -24.29 -15.86
CA LEU A 439 -6.60 -24.49 -15.38
C LEU A 439 -6.72 -24.09 -13.91
N LYS A 440 -5.69 -24.41 -13.11
CA LYS A 440 -5.69 -23.99 -11.71
C LYS A 440 -5.70 -22.47 -11.60
N GLN A 441 -4.91 -21.79 -12.44
CA GLN A 441 -4.90 -20.33 -12.41
C GLN A 441 -6.19 -19.75 -12.98
N ALA A 442 -6.77 -20.43 -13.97
CA ALA A 442 -8.01 -19.93 -14.57
C ALA A 442 -9.17 -19.97 -13.59
N LEU A 443 -9.19 -20.96 -12.69
CA LEU A 443 -10.27 -21.06 -11.72
C LEU A 443 -10.27 -19.87 -10.77
N THR A 444 -9.09 -19.39 -10.39
CA THR A 444 -9.02 -18.30 -9.43
C THR A 444 -9.17 -16.94 -10.09
N ILE A 445 -8.37 -16.66 -11.12
CA ILE A 445 -8.37 -15.34 -11.74
C ILE A 445 -9.67 -15.10 -12.48
N VAL A 446 -10.12 -16.08 -13.27
CA VAL A 446 -11.31 -15.89 -14.09
C VAL A 446 -12.59 -16.21 -13.34
N GLY A 447 -12.53 -17.04 -12.29
CA GLY A 447 -13.74 -17.43 -11.59
C GLY A 447 -14.41 -16.27 -10.89
N THR A 448 -13.62 -15.40 -10.26
CA THR A 448 -14.20 -14.31 -9.47
C THR A 448 -14.68 -13.16 -10.34
N LEU A 449 -14.26 -13.12 -11.62
CA LEU A 449 -14.64 -11.99 -12.46
C LEU A 449 -16.14 -11.87 -12.68
N PRO A 450 -16.89 -12.92 -13.06
CA PRO A 450 -18.34 -12.75 -13.15
C PRO A 450 -19.00 -12.44 -11.81
N PHE A 451 -18.47 -13.00 -10.73
CA PHE A 451 -19.09 -12.80 -9.42
C PHE A 451 -18.86 -11.38 -8.90
N THR A 452 -17.64 -10.88 -9.04
CA THR A 452 -17.32 -9.55 -8.52
C THR A 452 -18.15 -8.48 -9.23
N TYR A 453 -18.28 -8.57 -10.56
CA TYR A 453 -19.07 -7.61 -11.30
C TYR A 453 -20.54 -7.70 -10.93
N MET A 454 -21.05 -8.93 -10.76
CA MET A 454 -22.46 -9.10 -10.44
C MET A 454 -22.79 -8.51 -9.06
N LEU A 455 -21.92 -8.76 -8.07
CA LEU A 455 -22.19 -8.28 -6.73
C LEU A 455 -22.22 -6.76 -6.67
N GLU A 456 -21.27 -6.10 -7.33
CA GLU A 456 -21.25 -4.65 -7.32
C GLU A 456 -22.39 -4.07 -8.15
N LYS A 457 -22.83 -4.80 -9.18
CA LYS A 457 -23.96 -4.34 -9.98
C LYS A 457 -25.24 -4.28 -9.16
N TRP A 458 -25.45 -5.30 -8.31
CA TRP A 458 -26.64 -5.32 -7.47
C TRP A 458 -26.64 -4.17 -6.47
N ARG A 459 -25.53 -4.02 -5.73
CA ARG A 459 -25.48 -2.99 -4.68
C ARG A 459 -25.62 -1.60 -5.28
N TRP A 460 -25.13 -1.40 -6.50
CA TRP A 460 -25.26 -0.09 -7.14
C TRP A 460 -26.71 0.26 -7.39
N MET A 461 -27.52 -0.70 -7.85
CA MET A 461 -28.93 -0.45 -8.11
C MET A 461 -29.76 -0.36 -6.84
N VAL A 462 -29.37 -1.05 -5.77
CA VAL A 462 -30.12 -0.95 -4.52
C VAL A 462 -30.07 0.47 -3.97
N PHE A 463 -28.89 1.08 -4.01
CA PHE A 463 -28.76 2.44 -3.50
C PHE A 463 -29.56 3.43 -4.32
N LYS A 464 -29.61 3.23 -5.64
CA LYS A 464 -30.42 4.07 -6.50
C LYS A 464 -31.90 3.98 -6.15
N GLY A 465 -32.38 2.80 -5.79
CA GLY A 465 -33.78 2.61 -5.49
C GLY A 465 -34.58 1.97 -6.61
N GLU A 466 -33.93 1.58 -7.70
CA GLU A 466 -34.65 0.93 -8.79
C GLU A 466 -35.26 -0.39 -8.34
N ILE A 467 -34.52 -1.16 -7.54
CA ILE A 467 -35.00 -2.42 -6.99
C ILE A 467 -35.74 -2.10 -5.69
N PRO A 468 -37.04 -2.36 -5.59
CA PRO A 468 -37.75 -2.09 -4.34
C PRO A 468 -37.29 -3.02 -3.23
N LYS A 469 -37.48 -2.57 -1.99
CA LYS A 469 -37.07 -3.36 -0.85
C LYS A 469 -37.83 -4.68 -0.79
N GLU A 470 -39.01 -4.73 -1.41
CA GLU A 470 -39.78 -5.97 -1.43
C GLU A 470 -39.27 -6.92 -2.49
N GLN A 471 -38.49 -6.43 -3.45
CA GLN A 471 -37.97 -7.24 -4.54
C GLN A 471 -36.46 -7.41 -4.48
N TRP A 472 -35.86 -7.34 -3.29
CA TRP A 472 -34.42 -7.48 -3.18
C TRP A 472 -33.99 -8.90 -3.53
N MET A 473 -34.66 -9.90 -2.95
CA MET A 473 -34.21 -11.29 -3.12
C MET A 473 -34.61 -11.86 -4.47
N GLU A 474 -35.78 -11.49 -4.99
CA GLU A 474 -36.20 -11.99 -6.29
C GLU A 474 -35.24 -11.53 -7.39
N LYS A 475 -34.80 -10.27 -7.33
CA LYS A 475 -33.88 -9.77 -8.34
C LYS A 475 -32.47 -10.31 -8.13
N TRP A 476 -32.15 -10.71 -6.89
CA TRP A 476 -30.80 -11.14 -6.57
C TRP A 476 -30.42 -12.39 -7.36
N TRP A 477 -31.24 -13.43 -7.28
CA TRP A 477 -30.94 -14.68 -7.97
C TRP A 477 -31.23 -14.60 -9.45
N GLU A 478 -32.05 -13.64 -9.89
CA GLU A 478 -32.27 -13.45 -11.32
C GLU A 478 -30.98 -13.05 -12.01
N MET A 479 -30.22 -12.14 -11.40
CA MET A 479 -28.92 -11.78 -11.96
C MET A 479 -27.96 -12.96 -11.92
N LYS A 480 -27.97 -13.73 -10.82
CA LYS A 480 -27.05 -14.86 -10.71
C LYS A 480 -27.31 -15.90 -11.78
N ARG A 481 -28.60 -16.17 -12.08
CA ARG A 481 -28.92 -17.11 -13.14
C ARG A 481 -28.45 -16.58 -14.50
N GLU A 482 -28.67 -15.29 -14.75
CA GLU A 482 -28.38 -14.75 -16.08
C GLU A 482 -26.89 -14.48 -16.26
N ILE A 483 -26.21 -14.00 -15.23
CA ILE A 483 -24.83 -13.54 -15.38
C ILE A 483 -23.85 -14.59 -14.87
N VAL A 484 -23.93 -14.90 -13.56
CA VAL A 484 -22.99 -15.84 -12.98
C VAL A 484 -23.21 -17.25 -13.51
N GLY A 485 -24.46 -17.62 -13.72
CA GLY A 485 -24.78 -18.95 -14.21
C GLY A 485 -25.03 -19.99 -13.15
N VAL A 486 -25.42 -19.58 -11.95
CA VAL A 486 -25.73 -20.51 -10.86
C VAL A 486 -27.18 -20.32 -10.44
N VAL A 487 -27.63 -21.22 -9.56
CA VAL A 487 -29.01 -21.22 -9.11
C VAL A 487 -29.04 -21.65 -7.65
N GLU A 488 -30.03 -21.16 -6.92
CA GLU A 488 -30.19 -21.53 -5.53
C GLU A 488 -30.70 -22.96 -5.43
N PRO A 489 -30.08 -23.83 -4.63
CA PRO A 489 -30.59 -25.19 -4.49
C PRO A 489 -31.99 -25.26 -3.92
N LEU A 490 -32.34 -24.35 -3.02
CA LEU A 490 -33.65 -24.31 -2.39
C LEU A 490 -34.28 -22.94 -2.57
N PRO A 491 -35.60 -22.87 -2.69
CA PRO A 491 -36.25 -21.57 -2.92
C PRO A 491 -36.11 -20.65 -1.73
N HIS A 492 -36.02 -19.36 -2.02
CA HIS A 492 -35.90 -18.33 -1.00
C HIS A 492 -36.90 -17.22 -1.29
N ASP A 493 -37.29 -16.51 -0.24
CA ASP A 493 -38.23 -15.40 -0.34
C ASP A 493 -37.61 -14.16 0.29
N GLU A 494 -38.44 -13.12 0.46
CA GLU A 494 -37.94 -11.82 0.86
C GLU A 494 -37.34 -11.81 2.26
N THR A 495 -37.69 -12.79 3.12
CA THR A 495 -37.18 -12.78 4.48
C THR A 495 -35.69 -13.07 4.53
N TYR A 496 -35.17 -13.79 3.54
CA TYR A 496 -33.74 -14.06 3.47
C TYR A 496 -32.98 -12.80 3.10
N CYS A 497 -31.68 -12.80 3.39
CA CYS A 497 -30.77 -11.74 2.96
C CYS A 497 -29.40 -12.37 2.68
N ASP A 498 -29.19 -12.76 1.43
CA ASP A 498 -27.98 -13.48 1.07
C ASP A 498 -26.72 -12.62 0.96
N PRO A 499 -26.76 -11.41 0.38
CA PRO A 499 -25.52 -10.62 0.30
C PRO A 499 -24.87 -10.35 1.64
N ALA A 500 -25.63 -10.25 2.73
CA ALA A 500 -25.06 -9.99 4.04
C ALA A 500 -24.20 -11.14 4.55
N CYS A 501 -24.25 -12.31 3.91
CA CYS A 501 -23.43 -13.44 4.29
C CYS A 501 -21.99 -13.33 3.77
N LEU A 502 -21.59 -12.15 3.33
CA LEU A 502 -20.24 -11.88 2.85
C LEU A 502 -19.56 -10.87 3.76
N PHE A 503 -18.27 -11.06 4.00
CA PHE A 503 -17.48 -10.18 4.85
C PHE A 503 -17.49 -8.77 4.28
N HIS A 504 -17.28 -8.65 2.98
CA HIS A 504 -17.12 -7.33 2.37
C HIS A 504 -18.44 -6.57 2.30
N VAL A 505 -19.57 -7.28 2.36
CA VAL A 505 -20.86 -6.61 2.27
C VAL A 505 -21.37 -6.25 3.66
N ALA A 506 -21.19 -7.14 4.63
CA ALA A 506 -21.63 -6.86 6.00
C ALA A 506 -20.95 -5.60 6.53
N GLU A 507 -19.64 -5.49 6.31
CA GLU A 507 -18.94 -4.25 6.60
C GLU A 507 -19.10 -3.28 5.43
N ASP A 508 -18.75 -2.02 5.68
CA ASP A 508 -18.87 -0.98 4.67
C ASP A 508 -17.69 -0.98 3.71
N TYR A 509 -17.44 -2.12 3.07
CA TYR A 509 -16.32 -2.25 2.16
C TYR A 509 -16.79 -2.22 0.71
N SER A 510 -15.96 -1.65 -0.15
CA SER A 510 -16.22 -1.63 -1.58
C SER A 510 -15.59 -2.85 -2.23
N PHE A 511 -16.35 -3.47 -3.13
CA PHE A 511 -15.92 -4.69 -3.79
C PHE A 511 -15.45 -4.49 -5.22
N ILE A 512 -15.46 -3.26 -5.74
CA ILE A 512 -15.06 -3.05 -7.13
C ILE A 512 -13.55 -3.09 -7.28
N ARG A 513 -12.81 -3.01 -6.17
CA ARG A 513 -11.36 -3.02 -6.25
C ARG A 513 -10.83 -4.37 -6.70
N TYR A 514 -11.58 -5.43 -6.47
CA TYR A 514 -11.16 -6.78 -6.83
C TYR A 514 -11.44 -7.11 -8.29
N TYR A 515 -12.14 -6.25 -9.02
CA TYR A 515 -12.37 -6.44 -10.44
C TYR A 515 -11.38 -5.69 -11.30
N THR A 516 -11.19 -4.39 -11.02
CA THR A 516 -10.22 -3.61 -11.78
C THR A 516 -8.79 -4.02 -11.47
N ARG A 517 -8.53 -4.63 -10.32
CA ARG A 517 -7.18 -5.10 -10.03
C ARG A 517 -6.76 -6.19 -10.99
N THR A 518 -7.65 -7.13 -11.29
CA THR A 518 -7.31 -8.22 -12.20
C THR A 518 -7.00 -7.71 -13.59
N ILE A 519 -7.80 -6.77 -14.09
CA ILE A 519 -7.57 -6.23 -15.43
C ILE A 519 -6.24 -5.47 -15.48
N TYR A 520 -5.97 -4.65 -14.47
CA TYR A 520 -4.71 -3.90 -14.45
C TYR A 520 -3.52 -4.84 -14.27
N GLN A 521 -3.74 -5.99 -13.63
CA GLN A 521 -2.65 -6.92 -13.37
C GLN A 521 -2.06 -7.46 -14.67
N PHE A 522 -2.92 -7.74 -15.66
CA PHE A 522 -2.43 -8.32 -16.90
C PHE A 522 -2.04 -7.25 -17.91
N GLN A 523 -2.53 -6.02 -17.75
CA GLN A 523 -2.08 -4.93 -18.60
C GLN A 523 -0.60 -4.63 -18.34
N PHE A 524 -0.20 -4.60 -17.08
CA PHE A 524 1.19 -4.34 -16.74
C PHE A 524 2.08 -5.49 -17.20
N HIS A 525 1.63 -6.73 -17.01
CA HIS A 525 2.46 -7.88 -17.36
C HIS A 525 2.73 -7.96 -18.86
N GLU A 526 1.72 -7.66 -19.68
CA GLU A 526 1.93 -7.69 -21.13
C GLU A 526 2.92 -6.62 -21.58
N ALA A 527 2.80 -5.42 -21.02
CA ALA A 527 3.67 -4.31 -21.44
C ALA A 527 5.11 -4.58 -21.06
N LEU A 528 5.35 -5.03 -19.82
CA LEU A 528 6.72 -5.30 -19.39
C LEU A 528 7.34 -6.47 -20.11
N CYS A 529 6.53 -7.37 -20.68
CA CYS A 529 7.08 -8.49 -21.44
C CYS A 529 7.63 -8.04 -22.78
N LYS A 530 6.95 -7.09 -23.44
CA LYS A 530 7.43 -6.59 -24.73
C LYS A 530 8.77 -5.91 -24.58
N THR A 531 8.95 -5.13 -23.51
CA THR A 531 10.20 -4.42 -23.28
C THR A 531 11.31 -5.40 -22.94
N ALA A 532 10.95 -6.63 -22.57
CA ALA A 532 11.91 -7.66 -22.20
C ALA A 532 12.37 -8.46 -23.41
N ASN A 533 11.91 -8.10 -24.60
CA ASN A 533 12.30 -8.77 -25.85
C ASN A 533 12.03 -10.27 -25.77
N HIS A 534 10.86 -10.62 -25.25
CA HIS A 534 10.43 -12.01 -25.13
C HIS A 534 9.48 -12.33 -26.28
N GLU A 535 9.88 -13.24 -27.15
CA GLU A 535 9.08 -13.65 -28.30
C GLU A 535 8.51 -15.03 -28.03
N GLY A 536 7.21 -15.19 -28.23
CA GLY A 536 6.55 -16.45 -27.99
C GLY A 536 5.33 -16.32 -27.09
N ALA A 537 5.07 -17.35 -26.30
CA ALA A 537 3.92 -17.33 -25.41
C ALA A 537 4.14 -16.36 -24.26
N LEU A 538 3.04 -15.79 -23.75
CA LEU A 538 3.11 -15.01 -22.52
C LEU A 538 3.27 -15.89 -21.30
N PHE A 539 3.45 -17.20 -21.50
CA PHE A 539 3.45 -18.15 -20.39
C PHE A 539 4.65 -17.94 -19.48
N LYS A 540 5.86 -18.11 -20.04
CA LYS A 540 7.10 -18.11 -19.27
C LYS A 540 7.91 -16.85 -19.48
N CYS A 541 7.26 -15.73 -19.78
CA CYS A 541 7.95 -14.46 -19.99
C CYS A 541 8.57 -14.02 -18.68
N ASP A 542 9.90 -13.96 -18.65
CA ASP A 542 10.64 -13.63 -17.44
C ASP A 542 11.15 -12.20 -17.52
N ILE A 543 10.99 -11.45 -16.45
CA ILE A 543 11.38 -10.04 -16.42
C ILE A 543 12.76 -9.94 -15.78
N SER A 544 13.31 -11.07 -15.35
CA SER A 544 14.61 -11.08 -14.70
C SER A 544 15.72 -10.75 -15.70
N ASN A 545 16.78 -10.12 -15.18
CA ASN A 545 17.94 -9.74 -15.98
C ASN A 545 17.56 -8.86 -17.17
N SER A 546 16.61 -7.95 -16.94
CA SER A 546 16.13 -7.02 -17.97
C SER A 546 16.02 -5.63 -17.34
N THR A 547 17.09 -4.85 -17.43
CA THR A 547 17.10 -3.53 -16.82
C THR A 547 16.18 -2.56 -17.55
N GLU A 548 15.88 -2.84 -18.83
CA GLU A 548 14.99 -1.95 -19.58
C GLU A 548 13.59 -1.94 -18.99
N ALA A 549 13.10 -3.11 -18.58
CA ALA A 549 11.75 -3.20 -18.02
C ALA A 549 11.67 -2.50 -16.66
N GLY A 550 12.74 -2.56 -15.87
CA GLY A 550 12.70 -1.99 -14.54
C GLY A 550 12.48 -0.49 -14.56
N GLN A 551 13.21 0.23 -15.41
CA GLN A 551 13.04 1.67 -15.53
C GLN A 551 11.68 2.06 -16.06
N ARG A 552 11.03 1.21 -16.85
CA ARG A 552 9.65 1.45 -17.24
C ARG A 552 8.73 1.41 -16.03
N LEU A 553 8.99 0.50 -15.09
CA LEU A 553 8.14 0.38 -13.92
C LEU A 553 8.34 1.55 -12.97
N LEU A 554 9.59 1.98 -12.78
CA LEU A 554 9.90 2.99 -11.76
C LEU A 554 9.32 4.36 -12.07
N GLN A 555 9.02 4.67 -13.34
CA GLN A 555 8.43 5.98 -13.64
C GLN A 555 6.95 6.01 -13.25
N MET A 556 6.34 4.85 -13.07
CA MET A 556 4.94 4.80 -12.66
C MET A 556 4.82 4.67 -11.15
N LEU A 557 5.65 3.82 -10.53
CA LEU A 557 5.59 3.64 -9.09
C LEU A 557 5.89 4.93 -8.35
N SER A 558 6.91 5.66 -8.80
CA SER A 558 7.31 6.89 -8.13
C SER A 558 6.29 8.01 -8.29
N LEU A 559 5.31 7.83 -9.17
CA LEU A 559 4.31 8.87 -9.37
C LEU A 559 3.43 9.05 -8.13
N GLY A 560 3.04 7.96 -7.49
CA GLY A 560 2.17 8.06 -6.34
C GLY A 560 0.79 8.54 -6.74
N LYS A 561 0.21 9.40 -5.91
CA LYS A 561 -1.08 10.01 -6.18
C LYS A 561 -0.96 11.41 -6.76
N SER A 562 0.25 11.83 -7.11
CA SER A 562 0.46 13.19 -7.60
C SER A 562 -0.29 13.42 -8.91
N GLU A 563 -0.28 12.44 -9.80
CA GLU A 563 -0.93 12.56 -11.10
C GLU A 563 -2.15 11.67 -11.18
N PRO A 564 -3.13 12.01 -12.02
CA PRO A 564 -4.31 11.15 -12.17
C PRO A 564 -3.92 9.78 -12.69
N TRP A 565 -4.72 8.77 -12.31
CA TRP A 565 -4.37 7.39 -12.63
C TRP A 565 -4.35 7.17 -14.13
N THR A 566 -5.09 7.97 -14.91
CA THR A 566 -5.01 7.86 -16.36
C THR A 566 -3.61 8.17 -16.86
N LEU A 567 -2.99 9.22 -16.31
CA LEU A 567 -1.60 9.53 -16.68
C LEU A 567 -0.66 8.42 -16.23
N ALA A 568 -0.86 7.90 -15.02
CA ALA A 568 -0.01 6.82 -14.53
C ALA A 568 -0.18 5.56 -15.36
N LEU A 569 -1.42 5.24 -15.73
CA LEU A 569 -1.65 4.06 -16.56
C LEU A 569 -1.01 4.21 -17.93
N GLU A 570 -1.15 5.39 -18.54
CA GLU A 570 -0.56 5.62 -19.86
C GLU A 570 0.96 5.51 -19.82
N SER A 571 1.56 5.77 -18.65
CA SER A 571 3.01 5.79 -18.53
C SER A 571 3.63 4.40 -18.66
N ILE A 572 2.83 3.34 -18.65
CA ILE A 572 3.40 2.00 -18.66
C ILE A 572 2.84 1.17 -19.82
N VAL A 573 1.66 1.51 -20.32
CA VAL A 573 1.04 0.73 -21.39
C VAL A 573 0.67 1.62 -22.57
N GLY A 574 0.70 2.94 -22.37
CA GLY A 574 0.40 3.86 -23.44
C GLY A 574 -1.06 4.00 -23.81
N ILE A 575 -1.98 3.62 -22.92
CA ILE A 575 -3.41 3.78 -23.17
C ILE A 575 -4.02 4.53 -22.00
N LYS A 576 -5.20 5.12 -22.22
CA LYS A 576 -5.84 5.93 -21.19
C LYS A 576 -7.12 5.29 -20.67
N THR A 577 -7.20 3.96 -20.74
CA THR A 577 -8.41 3.25 -20.29
C THR A 577 -8.03 1.82 -19.98
N MET A 578 -8.94 1.14 -19.28
CA MET A 578 -8.75 -0.26 -18.92
C MET A 578 -9.27 -1.16 -20.05
N ASP A 579 -8.45 -2.12 -20.46
CA ASP A 579 -8.80 -3.01 -21.56
C ASP A 579 -8.54 -4.46 -21.14
N VAL A 580 -9.42 -5.35 -21.58
CA VAL A 580 -9.32 -6.77 -21.22
C VAL A 580 -8.55 -7.58 -22.24
N LYS A 581 -8.01 -6.96 -23.28
CA LYS A 581 -7.27 -7.70 -24.29
C LYS A 581 -6.06 -8.43 -23.70
N PRO A 582 -5.20 -7.82 -22.87
CA PRO A 582 -4.06 -8.57 -22.34
C PRO A 582 -4.45 -9.81 -21.55
N LEU A 583 -5.58 -9.76 -20.82
CA LEU A 583 -6.02 -10.93 -20.07
C LEU A 583 -6.34 -12.09 -21.01
N LEU A 584 -7.05 -11.80 -22.11
CA LEU A 584 -7.39 -12.85 -23.06
C LEU A 584 -6.15 -13.40 -23.72
N ASN A 585 -5.16 -12.55 -24.00
CA ASN A 585 -3.91 -13.01 -24.59
C ASN A 585 -3.19 -13.97 -23.66
N TYR A 586 -3.30 -13.77 -22.34
CA TYR A 586 -2.67 -14.69 -21.40
C TYR A 586 -3.29 -16.08 -21.49
N PHE A 587 -4.61 -16.15 -21.52
CA PHE A 587 -5.33 -17.42 -21.52
C PHE A 587 -5.59 -17.96 -22.92
N GLU A 588 -5.08 -17.30 -23.95
CA GLU A 588 -5.27 -17.79 -25.32
C GLU A 588 -4.76 -19.22 -25.53
N PRO A 589 -3.58 -19.62 -25.05
CA PRO A 589 -3.17 -21.03 -25.24
C PRO A 589 -4.13 -22.01 -24.58
N LEU A 590 -4.75 -21.65 -23.46
CA LEU A 590 -5.74 -22.53 -22.86
C LEU A 590 -7.06 -22.48 -23.63
N PHE A 591 -7.35 -21.35 -24.27
CA PHE A 591 -8.61 -21.21 -24.99
C PHE A 591 -8.71 -22.20 -26.14
N THR A 592 -7.63 -22.37 -26.90
CA THR A 592 -7.67 -23.26 -28.06
C THR A 592 -7.88 -24.71 -27.63
N TRP A 593 -7.15 -25.16 -26.60
CA TRP A 593 -7.29 -26.54 -26.16
C TRP A 593 -8.64 -26.79 -25.52
N LEU A 594 -9.19 -25.79 -24.81
CA LEU A 594 -10.43 -25.99 -24.08
C LEU A 594 -11.63 -26.02 -25.03
N LYS A 595 -11.52 -25.35 -26.17
CA LYS A 595 -12.62 -25.33 -27.12
C LYS A 595 -12.91 -26.73 -27.66
N GLU A 596 -11.86 -27.50 -27.96
CA GLU A 596 -12.05 -28.84 -28.52
C GLU A 596 -12.78 -29.74 -27.54
N GLN A 597 -12.43 -29.66 -26.25
CA GLN A 597 -13.04 -30.54 -25.27
C GLN A 597 -14.50 -30.17 -25.01
N ASN A 598 -14.85 -28.90 -25.18
CA ASN A 598 -16.20 -28.47 -24.87
C ASN A 598 -17.14 -28.60 -26.06
N ARG A 599 -16.62 -28.97 -27.23
CA ARG A 599 -17.47 -29.06 -28.41
C ARG A 599 -18.37 -30.29 -28.35
N ASN A 600 -17.97 -31.31 -27.60
CA ASN A 600 -18.78 -32.52 -27.51
C ASN A 600 -20.10 -32.26 -26.78
N SER A 601 -20.08 -31.43 -25.76
CA SER A 601 -21.27 -31.13 -24.97
C SER A 601 -21.76 -29.71 -25.26
N PHE A 602 -22.85 -29.33 -24.61
CA PHE A 602 -23.45 -28.02 -24.81
C PHE A 602 -22.63 -26.98 -24.03
N VAL A 603 -22.18 -25.94 -24.74
CA VAL A 603 -21.49 -24.83 -24.09
C VAL A 603 -22.48 -23.70 -23.83
N GLY A 604 -22.87 -23.55 -22.56
CA GLY A 604 -23.85 -22.57 -22.18
C GLY A 604 -24.65 -23.05 -20.98
N TRP A 605 -25.73 -22.34 -20.70
CA TRP A 605 -26.61 -22.69 -19.59
C TRP A 605 -28.04 -22.30 -19.93
N SER A 606 -28.98 -22.98 -19.29
CA SER A 606 -30.41 -22.71 -19.45
C SER A 606 -30.93 -22.08 -18.16
N THR A 607 -31.36 -20.83 -18.25
CA THR A 607 -31.83 -20.14 -17.05
C THR A 607 -33.20 -20.64 -16.62
N GLU A 608 -33.98 -21.18 -17.56
CA GLU A 608 -35.31 -21.66 -17.22
C GLU A 608 -35.26 -22.86 -16.27
N TRP A 609 -34.29 -23.75 -16.46
CA TRP A 609 -34.20 -24.95 -15.65
C TRP A 609 -33.95 -24.60 -14.19
N THR A 610 -34.67 -25.28 -13.29
CA THR A 610 -34.59 -25.03 -11.86
C THR A 610 -34.41 -26.35 -11.13
N PRO A 611 -33.66 -26.36 -10.01
CA PRO A 611 -33.37 -27.63 -9.33
C PRO A 611 -34.52 -28.17 -8.47
N TYR A 612 -35.26 -27.27 -7.82
CA TYR A 612 -36.27 -27.73 -6.86
C TYR A 612 -37.54 -28.20 -7.56
N SER A 613 -37.63 -27.97 -8.86
CA SER A 613 -38.80 -28.39 -9.63
C SER A 613 -38.39 -29.28 -10.80
N THR B 1 54.73 23.56 20.79
CA THR B 1 53.69 23.27 19.81
C THR B 1 52.30 23.33 20.45
N ASN B 2 51.86 24.54 20.79
CA ASN B 2 50.54 24.71 21.36
C ASN B 2 49.48 24.38 20.32
N LEU B 3 48.49 23.59 20.72
CA LEU B 3 47.47 23.11 19.81
C LEU B 3 46.10 23.23 20.47
N CYS B 4 45.23 23.99 19.81
CA CYS B 4 43.90 24.25 20.34
C CYS B 4 43.06 22.98 20.32
N PRO B 5 42.16 22.81 21.28
CA PRO B 5 41.35 21.60 21.37
C PRO B 5 40.25 21.51 20.32
N PHE B 6 40.62 21.09 19.11
CA PHE B 6 39.60 20.69 18.15
C PHE B 6 38.73 19.58 18.69
N GLY B 7 39.28 18.76 19.59
CA GLY B 7 38.49 17.73 20.24
C GLY B 7 37.46 18.27 21.20
N GLU B 8 37.47 19.57 21.48
CA GLU B 8 36.43 20.15 22.32
C GLU B 8 35.10 20.17 21.58
N VAL B 9 35.11 20.53 20.30
CA VAL B 9 33.86 20.61 19.54
C VAL B 9 33.54 19.27 18.89
N PHE B 10 34.55 18.59 18.35
CA PHE B 10 34.32 17.31 17.69
C PHE B 10 33.95 16.20 18.65
N ASN B 11 34.09 16.43 19.96
CA ASN B 11 33.72 15.45 20.97
C ASN B 11 32.78 16.03 22.02
N ALA B 12 32.09 17.12 21.69
CA ALA B 12 31.19 17.75 22.65
C ALA B 12 30.07 16.79 23.04
N THR B 13 29.76 16.77 24.35
CA THR B 13 28.75 15.85 24.85
C THR B 13 27.36 16.19 24.31
N ARG B 14 27.05 17.48 24.18
CA ARG B 14 25.76 17.93 23.67
C ARG B 14 25.99 19.01 22.62
N PHE B 15 25.37 18.83 21.45
CA PHE B 15 25.48 19.81 20.38
C PHE B 15 24.38 20.86 20.52
N ALA B 16 24.28 21.73 19.53
CA ALA B 16 23.29 22.79 19.52
C ALA B 16 22.28 22.57 18.41
N SER B 17 21.11 23.17 18.58
CA SER B 17 20.04 23.04 17.59
C SER B 17 20.40 23.80 16.31
N VAL B 18 19.52 23.76 15.32
CA VAL B 18 19.75 24.46 14.06
C VAL B 18 19.38 25.93 14.14
N TYR B 19 18.25 26.27 14.77
CA TYR B 19 17.85 27.66 14.92
C TYR B 19 18.78 28.45 15.84
N ALA B 20 19.49 27.77 16.74
CA ALA B 20 20.50 28.40 17.59
C ALA B 20 21.81 27.63 17.40
N TRP B 21 22.53 27.98 16.34
CA TRP B 21 23.81 27.36 16.03
C TRP B 21 24.95 28.02 16.80
N ASN B 22 25.94 27.22 17.14
CA ASN B 22 27.10 27.66 17.92
C ASN B 22 28.22 28.09 17.00
N ARG B 23 28.99 29.08 17.46
CA ARG B 23 30.14 29.59 16.73
C ARG B 23 31.33 29.67 17.66
N LYS B 24 32.49 29.22 17.18
CA LYS B 24 33.72 29.20 17.97
C LYS B 24 34.80 29.93 17.20
N ARG B 25 35.58 30.74 17.92
CA ARG B 25 36.70 31.47 17.34
C ARG B 25 38.02 30.79 17.69
N ILE B 26 38.78 30.43 16.66
CA ILE B 26 40.07 29.75 16.81
C ILE B 26 41.17 30.67 16.30
N SER B 27 42.19 30.88 17.13
CA SER B 27 43.34 31.68 16.73
C SER B 27 44.51 31.33 17.63
N ASN B 28 45.71 31.73 17.19
CA ASN B 28 46.95 31.52 17.94
C ASN B 28 47.14 30.04 18.27
N CYS B 29 47.17 29.23 17.22
CA CYS B 29 47.15 27.78 17.36
C CYS B 29 47.90 27.15 16.20
N VAL B 30 47.95 25.82 16.22
CA VAL B 30 48.43 25.04 15.09
C VAL B 30 47.31 24.10 14.66
N ALA B 31 47.06 24.05 13.35
CA ALA B 31 45.97 23.27 12.79
C ALA B 31 46.50 21.91 12.32
N ASP B 32 46.26 20.88 13.12
CA ASP B 32 46.61 19.52 12.75
C ASP B 32 45.35 18.83 12.25
N TYR B 33 45.23 18.72 10.93
CA TYR B 33 44.03 18.13 10.33
C TYR B 33 44.17 16.63 10.11
N SER B 34 45.28 16.02 10.53
CA SER B 34 45.45 14.59 10.37
C SER B 34 44.47 13.81 11.25
N VAL B 35 44.15 14.35 12.42
CA VAL B 35 43.21 13.68 13.32
C VAL B 35 41.84 13.56 12.66
N LEU B 36 41.39 14.64 12.01
CA LEU B 36 40.12 14.60 11.30
C LEU B 36 40.16 13.59 10.16
N TYR B 37 41.25 13.58 9.39
CA TYR B 37 41.36 12.65 8.28
C TYR B 37 41.42 11.21 8.76
N ASN B 38 42.15 10.96 9.83
CA ASN B 38 42.30 9.61 10.38
C ASN B 38 41.17 9.25 11.34
N SER B 39 40.22 10.15 11.56
CA SER B 39 39.07 9.83 12.41
C SER B 39 38.20 8.78 11.73
N ALA B 40 37.81 7.75 12.50
CA ALA B 40 36.98 6.70 11.94
C ALA B 40 35.51 7.08 11.96
N SER B 41 35.18 8.23 12.53
CA SER B 41 33.77 8.62 12.65
C SER B 41 33.28 9.32 11.39
N PHE B 42 34.05 10.28 10.87
CA PHE B 42 33.63 11.11 9.76
C PHE B 42 33.47 10.24 8.51
N SER B 43 32.49 10.57 7.67
CA SER B 43 32.30 9.84 6.42
C SER B 43 32.10 10.81 5.26
N THR B 44 31.75 12.06 5.55
CA THR B 44 31.54 13.09 4.54
C THR B 44 32.52 14.23 4.79
N PHE B 45 33.22 14.65 3.75
CA PHE B 45 34.22 15.72 3.86
C PHE B 45 34.29 16.45 2.53
N LYS B 46 33.57 17.56 2.41
CA LYS B 46 33.55 18.37 1.21
C LYS B 46 34.18 19.73 1.50
N CYS B 47 35.14 20.12 0.67
CA CYS B 47 35.84 21.39 0.83
C CYS B 47 35.50 22.28 -0.36
N TYR B 48 35.05 23.50 -0.07
CA TYR B 48 34.68 24.47 -1.09
C TYR B 48 35.63 25.66 -1.02
N GLY B 49 36.27 25.98 -2.14
CA GLY B 49 37.17 27.10 -2.22
C GLY B 49 38.62 26.79 -1.91
N VAL B 50 38.90 25.65 -1.28
CA VAL B 50 40.26 25.26 -0.93
C VAL B 50 40.43 23.77 -1.20
N SER B 51 41.64 23.41 -1.63
CA SER B 51 41.93 22.02 -1.93
C SER B 51 41.96 21.19 -0.65
N PRO B 52 41.63 19.90 -0.71
CA PRO B 52 41.62 19.10 0.52
C PRO B 52 43.01 18.88 1.10
N THR B 53 43.95 18.42 0.29
CA THR B 53 45.35 18.34 0.70
C THR B 53 45.97 19.72 0.57
N LYS B 54 47.22 19.85 1.01
CA LYS B 54 47.92 21.12 1.14
C LYS B 54 47.11 22.13 1.94
N LEU B 55 46.21 21.62 2.79
CA LEU B 55 45.42 22.50 3.63
C LEU B 55 46.28 23.29 4.60
N ASN B 56 47.31 22.65 5.17
CA ASN B 56 48.11 23.31 6.19
C ASN B 56 49.21 24.18 5.57
N ASP B 57 49.60 23.90 4.33
CA ASP B 57 50.59 24.74 3.66
C ASP B 57 50.14 26.17 3.44
N LEU B 58 48.83 26.39 3.25
CA LEU B 58 48.28 27.73 3.15
C LEU B 58 47.40 27.98 4.37
N CYS B 59 47.71 29.04 5.10
CA CYS B 59 47.11 29.28 6.41
C CYS B 59 46.65 30.72 6.54
N PHE B 60 45.65 30.92 7.40
CA PHE B 60 44.97 32.20 7.57
C PHE B 60 44.96 32.60 9.03
N THR B 61 44.54 33.83 9.29
CA THR B 61 44.60 34.35 10.66
C THR B 61 43.51 33.77 11.56
N ASN B 62 42.30 33.62 11.04
CA ASN B 62 41.15 33.25 11.86
C ASN B 62 40.47 32.02 11.29
N VAL B 63 40.04 31.13 12.19
CA VAL B 63 39.32 29.92 11.83
C VAL B 63 38.06 29.85 12.68
N TYR B 64 36.93 29.63 12.03
CA TYR B 64 35.64 29.56 12.71
C TYR B 64 35.11 28.13 12.67
N ALA B 65 34.72 27.63 13.84
CA ALA B 65 34.15 26.30 13.99
C ALA B 65 32.67 26.43 14.33
N ASP B 66 31.84 25.67 13.63
CA ASP B 66 30.40 25.79 13.70
C ASP B 66 29.79 24.40 13.86
N SER B 67 28.64 24.33 14.51
CA SER B 67 28.06 23.03 14.84
C SER B 67 26.54 23.10 14.90
N PHE B 68 25.90 22.01 14.47
CA PHE B 68 24.47 21.79 14.59
C PHE B 68 24.17 20.35 14.22
N VAL B 69 22.91 19.96 14.38
CA VAL B 69 22.46 18.60 14.08
C VAL B 69 21.26 18.69 13.15
N ILE B 70 21.31 17.97 12.03
CA ILE B 70 20.26 17.99 11.02
C ILE B 70 20.00 16.58 10.53
N ARG B 71 18.96 16.45 9.69
CA ARG B 71 18.57 15.16 9.16
C ARG B 71 19.53 14.71 8.06
N GLY B 72 19.45 13.42 7.74
CA GLY B 72 20.35 12.85 6.73
C GLY B 72 20.13 13.41 5.34
N ASP B 73 18.88 13.48 4.88
CA ASP B 73 18.58 14.05 3.58
C ASP B 73 18.80 15.55 3.55
N GLU B 74 18.99 16.15 4.72
CA GLU B 74 19.06 17.59 4.88
C GLU B 74 20.50 18.09 4.98
N VAL B 75 21.48 17.19 4.92
CA VAL B 75 22.88 17.59 4.93
C VAL B 75 23.26 18.27 3.63
N ARG B 76 22.75 17.74 2.51
CA ARG B 76 23.14 18.26 1.19
C ARG B 76 22.74 19.71 0.99
N GLN B 77 21.83 20.24 1.81
CA GLN B 77 21.45 21.64 1.74
C GLN B 77 22.54 22.57 2.28
N ILE B 78 23.53 22.04 2.97
CA ILE B 78 24.64 22.87 3.49
C ILE B 78 25.68 22.91 2.39
N ALA B 79 25.49 23.85 1.46
CA ALA B 79 26.39 24.03 0.33
C ALA B 79 26.22 25.46 -0.18
N PRO B 80 27.25 26.03 -0.78
CA PRO B 80 27.12 27.38 -1.35
C PRO B 80 26.07 27.41 -2.45
N GLY B 81 25.29 28.49 -2.47
CA GLY B 81 24.31 28.71 -3.53
C GLY B 81 23.24 27.64 -3.61
N GLN B 82 22.64 27.27 -2.48
CA GLN B 82 21.60 26.26 -2.43
C GLN B 82 20.37 26.81 -1.74
N THR B 83 19.20 26.34 -2.16
CA THR B 83 17.93 26.78 -1.63
C THR B 83 17.21 25.60 -0.98
N GLY B 84 16.67 25.83 0.21
CA GLY B 84 15.98 24.79 0.93
C GLY B 84 15.44 25.30 2.24
N LYS B 85 14.94 24.37 3.05
CA LYS B 85 14.40 24.73 4.35
C LYS B 85 15.48 25.28 5.27
N ILE B 86 16.67 24.68 5.25
CA ILE B 86 17.75 25.14 6.11
C ILE B 86 18.37 26.43 5.57
N ALA B 87 18.79 26.41 4.30
CA ALA B 87 19.56 27.52 3.76
C ALA B 87 18.74 28.80 3.75
N ASP B 88 17.47 28.73 3.37
CA ASP B 88 16.69 29.96 3.25
C ASP B 88 16.25 30.49 4.61
N TYR B 89 16.07 29.62 5.59
CA TYR B 89 15.43 30.00 6.85
C TYR B 89 16.26 29.80 8.10
N ASN B 90 17.26 28.91 8.09
CA ASN B 90 17.97 28.58 9.31
C ASN B 90 19.46 28.90 9.25
N TYR B 91 20.15 28.52 8.18
CA TYR B 91 21.60 28.69 8.13
C TYR B 91 22.01 28.84 6.68
N LYS B 92 22.29 30.07 6.25
CA LYS B 92 22.61 30.37 4.87
C LYS B 92 24.12 30.57 4.72
N LEU B 93 24.74 29.73 3.91
CA LEU B 93 26.15 29.85 3.62
C LEU B 93 26.36 30.89 2.51
N PRO B 94 27.52 31.56 2.52
CA PRO B 94 27.79 32.55 1.48
C PRO B 94 27.98 31.89 0.12
N ASP B 95 27.69 32.66 -0.93
CA ASP B 95 27.89 32.16 -2.29
C ASP B 95 29.37 31.91 -2.56
N ASP B 96 30.26 32.72 -2.00
CA ASP B 96 31.71 32.50 -2.10
C ASP B 96 32.20 31.95 -0.76
N PHE B 97 32.58 30.68 -0.75
CA PHE B 97 32.98 30.03 0.47
C PHE B 97 34.40 29.49 0.38
N THR B 98 35.13 29.64 1.49
CA THR B 98 36.48 29.10 1.62
C THR B 98 36.53 28.29 2.92
N GLY B 99 36.17 27.01 2.83
CA GLY B 99 36.16 26.15 3.98
C GLY B 99 35.72 24.75 3.63
N CYS B 100 35.72 23.89 4.64
CA CYS B 100 35.34 22.49 4.49
C CYS B 100 34.14 22.18 5.36
N VAL B 101 33.32 21.23 4.92
CA VAL B 101 32.12 20.82 5.64
C VAL B 101 32.30 19.39 6.10
N ILE B 102 32.04 19.14 7.37
CA ILE B 102 32.21 17.83 7.99
C ILE B 102 30.88 17.37 8.55
N ALA B 103 30.49 16.14 8.21
CA ALA B 103 29.24 15.57 8.72
C ALA B 103 29.40 14.07 8.85
N TRP B 104 28.97 13.54 10.00
CA TRP B 104 29.04 12.11 10.25
C TRP B 104 27.78 11.67 10.99
N ASN B 105 27.32 10.45 10.69
CA ASN B 105 26.13 9.92 11.33
C ASN B 105 26.39 9.71 12.81
N SER B 106 25.41 10.08 13.64
CA SER B 106 25.51 9.92 15.08
C SER B 106 24.21 9.37 15.67
N ASN B 107 23.65 8.34 15.03
CA ASN B 107 22.36 7.82 15.46
C ASN B 107 22.46 7.14 16.82
N ASN B 108 23.62 6.55 17.13
CA ASN B 108 23.76 5.80 18.36
C ASN B 108 23.60 6.69 19.59
N LEU B 109 24.17 7.89 19.55
CA LEU B 109 24.18 8.77 20.70
C LEU B 109 23.02 9.75 20.72
N ASP B 110 22.56 10.21 19.56
CA ASP B 110 21.62 11.32 19.49
C ASP B 110 20.17 10.90 19.40
N SER B 111 19.89 9.61 19.21
CA SER B 111 18.53 9.13 19.04
C SER B 111 18.18 8.15 20.15
N LYS B 112 17.02 8.36 20.78
CA LYS B 112 16.54 7.50 21.85
C LYS B 112 15.08 7.18 21.60
N VAL B 113 14.62 6.04 22.14
CA VAL B 113 13.22 5.67 21.98
C VAL B 113 12.34 6.68 22.68
N GLY B 114 11.14 6.88 22.14
CA GLY B 114 10.23 7.88 22.61
C GLY B 114 10.47 9.26 22.05
N GLY B 115 11.52 9.44 21.25
CA GLY B 115 11.82 10.70 20.62
C GLY B 115 12.86 11.50 21.36
N ASN B 116 13.59 12.33 20.60
CA ASN B 116 14.56 13.26 21.14
C ASN B 116 14.09 14.68 20.84
N TYR B 117 13.29 15.24 21.74
CA TYR B 117 12.65 16.53 21.52
C TYR B 117 13.53 17.70 21.93
N ASN B 118 14.84 17.49 22.01
CA ASN B 118 15.78 18.55 22.39
C ASN B 118 16.33 19.31 21.20
N TYR B 119 15.92 18.98 19.99
CA TYR B 119 16.42 19.62 18.78
C TYR B 119 15.27 20.28 18.03
N LEU B 120 15.46 21.53 17.65
CA LEU B 120 14.41 22.33 17.04
C LEU B 120 14.97 23.07 15.83
N TYR B 121 14.06 23.57 14.99
CA TYR B 121 14.42 24.38 13.85
C TYR B 121 13.25 25.32 13.54
N ARG B 122 13.48 26.28 12.66
CA ARG B 122 12.47 27.29 12.35
C ARG B 122 11.87 26.97 10.99
N LEU B 123 10.53 27.00 10.92
CA LEU B 123 9.81 26.61 9.72
C LEU B 123 9.20 27.77 8.96
N PHE B 124 8.78 28.84 9.64
CA PHE B 124 8.15 29.98 9.01
C PHE B 124 8.90 31.24 9.38
N ARG B 125 9.18 32.09 8.39
CA ARG B 125 9.92 33.32 8.60
C ARG B 125 9.67 34.24 7.41
N LYS B 126 9.57 35.55 7.70
CA LYS B 126 9.14 36.50 6.68
C LYS B 126 10.12 36.56 5.50
N SER B 127 11.40 36.76 5.79
CA SER B 127 12.40 36.95 4.75
C SER B 127 13.60 36.06 5.00
N ASN B 128 14.22 35.61 3.91
CA ASN B 128 15.32 34.68 4.00
C ASN B 128 16.52 35.31 4.70
N LEU B 129 17.39 34.45 5.22
CA LEU B 129 18.52 34.86 6.04
C LEU B 129 19.68 35.29 5.16
N LYS B 130 20.29 36.43 5.50
CA LYS B 130 21.56 36.81 4.88
C LYS B 130 22.64 35.84 5.34
N PRO B 131 23.70 35.68 4.56
CA PRO B 131 24.75 34.71 4.92
C PRO B 131 25.32 34.98 6.30
N PHE B 132 25.52 33.92 7.06
CA PHE B 132 26.08 33.96 8.41
C PHE B 132 25.25 34.87 9.33
N GLU B 133 23.96 34.51 9.44
CA GLU B 133 23.05 35.21 10.33
C GLU B 133 22.36 34.21 11.24
N ARG B 134 22.18 34.61 12.50
CA ARG B 134 21.52 33.75 13.48
C ARG B 134 20.30 34.47 14.03
N ASP B 135 19.16 33.79 14.02
CA ASP B 135 17.91 34.34 14.52
C ASP B 135 17.40 33.46 15.66
N ILE B 136 17.37 34.03 16.87
CA ILE B 136 16.87 33.33 18.04
C ILE B 136 15.49 33.80 18.45
N SER B 137 15.03 34.92 17.89
CA SER B 137 13.75 35.50 18.26
C SER B 137 12.61 34.52 17.96
N THR B 138 11.62 34.50 18.86
CA THR B 138 10.49 33.59 18.76
C THR B 138 9.20 34.41 18.88
N GLU B 139 8.73 34.95 17.76
CA GLU B 139 7.49 35.71 17.70
C GLU B 139 6.49 34.97 16.82
N ILE B 140 5.23 34.99 17.26
CA ILE B 140 4.19 34.23 16.57
C ILE B 140 4.10 34.68 15.12
N TYR B 141 4.31 33.72 14.22
CA TYR B 141 4.27 34.01 12.79
C TYR B 141 2.87 34.39 12.35
N GLN B 142 2.79 35.36 11.45
CA GLN B 142 1.53 35.82 10.89
C GLN B 142 1.46 35.45 9.41
N ALA B 143 0.39 34.74 9.04
CA ALA B 143 0.16 34.34 7.66
C ALA B 143 -1.14 34.91 7.12
N GLY B 144 -1.72 35.89 7.80
CA GLY B 144 -2.96 36.49 7.37
C GLY B 144 -2.93 37.99 7.54
N SER B 145 -3.87 38.65 6.85
CA SER B 145 -3.94 40.11 6.93
C SER B 145 -4.30 40.57 8.34
N THR B 146 -5.24 39.88 8.98
CA THR B 146 -5.65 40.27 10.33
C THR B 146 -4.64 39.77 11.36
N PRO B 147 -4.10 40.64 12.19
CA PRO B 147 -3.21 40.17 13.27
C PRO B 147 -3.98 39.46 14.36
N CYS B 148 -3.28 38.55 15.04
CA CYS B 148 -3.91 37.79 16.12
C CYS B 148 -3.44 38.25 17.49
N ASN B 149 -2.76 39.39 17.55
CA ASN B 149 -2.32 40.00 18.82
C ASN B 149 -1.43 39.06 19.64
N GLY B 150 -0.55 38.32 18.98
CA GLY B 150 0.49 37.58 19.67
C GLY B 150 0.05 36.30 20.34
N VAL B 151 -1.10 35.74 19.99
CA VAL B 151 -1.55 34.45 20.50
C VAL B 151 -1.76 33.51 19.32
N GLU B 152 -1.21 32.30 19.42
CA GLU B 152 -1.30 31.35 18.33
C GLU B 152 -2.73 30.89 18.12
N GLY B 153 -3.04 30.51 16.89
CA GLY B 153 -4.37 30.03 16.59
C GLY B 153 -4.60 29.96 15.09
N PHE B 154 -5.78 30.47 14.69
CA PHE B 154 -6.14 30.48 13.28
C PHE B 154 -5.23 31.44 12.51
N ASN B 155 -4.59 30.93 11.46
CA ASN B 155 -3.70 31.67 10.58
C ASN B 155 -2.49 32.25 11.29
N CYS B 156 -2.18 31.79 12.50
CA CYS B 156 -0.96 32.16 13.21
C CYS B 156 -0.34 30.89 13.76
N TYR B 157 0.88 30.59 13.33
CA TYR B 157 1.56 29.35 13.71
C TYR B 157 2.81 29.67 14.51
N PHE B 158 3.16 28.76 15.42
CA PHE B 158 4.41 28.86 16.14
C PHE B 158 5.57 28.72 15.16
N PRO B 159 6.62 29.53 15.31
CA PRO B 159 7.70 29.56 14.31
C PRO B 159 8.71 28.42 14.40
N LEU B 160 8.70 27.63 15.46
CA LEU B 160 9.65 26.53 15.60
C LEU B 160 8.90 25.21 15.73
N GLN B 161 9.26 24.26 14.88
CA GLN B 161 8.80 22.89 15.01
C GLN B 161 9.79 22.14 15.90
N SER B 162 9.66 20.82 15.97
CA SER B 162 10.53 20.00 16.79
C SER B 162 10.97 18.77 16.00
N TYR B 163 12.24 18.43 16.14
CA TYR B 163 12.77 17.21 15.56
C TYR B 163 12.45 16.04 16.48
N GLY B 164 11.88 14.99 15.89
CA GLY B 164 11.66 13.77 16.64
C GLY B 164 12.55 12.67 16.13
N PHE B 165 13.59 12.32 16.91
CA PHE B 165 14.53 11.29 16.51
C PHE B 165 14.24 10.01 17.27
N GLN B 166 14.13 8.91 16.53
CA GLN B 166 13.91 7.59 17.10
C GLN B 166 14.91 6.62 16.48
N PRO B 167 15.32 5.60 17.23
CA PRO B 167 16.36 4.69 16.71
C PRO B 167 15.96 3.93 15.46
N THR B 168 14.66 3.75 15.21
CA THR B 168 14.19 2.93 14.11
C THR B 168 13.83 3.74 12.87
N ASN B 169 14.11 5.04 12.85
CA ASN B 169 13.82 5.84 11.68
C ASN B 169 14.71 5.41 10.53
N GLY B 170 14.37 5.89 9.33
CA GLY B 170 15.15 5.57 8.16
C GLY B 170 16.53 6.20 8.20
N VAL B 171 17.37 5.78 7.26
CA VAL B 171 18.73 6.29 7.19
C VAL B 171 18.75 7.77 6.81
N GLY B 172 17.64 8.28 6.28
CA GLY B 172 17.59 9.69 5.93
C GLY B 172 17.10 10.56 7.07
N TYR B 173 16.31 10.00 7.98
CA TYR B 173 15.75 10.75 9.08
C TYR B 173 16.58 10.61 10.36
N GLN B 174 17.73 9.97 10.28
CA GLN B 174 18.62 9.80 11.41
C GLN B 174 19.45 11.06 11.63
N PRO B 175 19.86 11.35 12.86
CA PRO B 175 20.57 12.59 13.13
C PRO B 175 21.99 12.57 12.58
N TYR B 176 22.40 13.67 11.96
CA TYR B 176 23.75 13.86 11.45
C TYR B 176 24.35 15.10 12.08
N ARG B 177 25.46 14.94 12.78
CA ARG B 177 26.16 16.06 13.37
C ARG B 177 27.06 16.71 12.32
N VAL B 178 26.87 18.01 12.12
CA VAL B 178 27.54 18.73 11.04
C VAL B 178 28.42 19.82 11.64
N VAL B 179 29.67 19.88 11.20
CA VAL B 179 30.60 20.93 11.59
C VAL B 179 31.19 21.53 10.32
N VAL B 180 31.11 22.86 10.20
CA VAL B 180 31.65 23.57 9.04
C VAL B 180 32.76 24.46 9.56
N LEU B 181 33.85 24.56 8.80
CA LEU B 181 34.99 25.37 9.17
C LEU B 181 35.10 26.53 8.19
N SER B 182 35.14 27.75 8.71
CA SER B 182 35.16 28.96 7.89
C SER B 182 36.51 29.63 8.04
N PHE B 183 37.38 29.42 7.06
CA PHE B 183 38.66 30.11 7.04
C PHE B 183 38.50 31.52 6.47
N GLU B 184 39.07 32.50 7.16
CA GLU B 184 39.03 33.89 6.70
C GLU B 184 40.42 34.48 6.83
N LEU B 185 40.77 35.35 5.89
CA LEU B 185 42.08 35.99 5.84
C LEU B 185 41.91 37.48 6.10
N LEU B 186 42.78 38.04 6.97
CA LEU B 186 42.71 39.44 7.32
C LEU B 186 44.14 39.97 7.40
N HIS B 187 44.36 41.16 7.96
CA HIS B 187 45.68 41.77 8.07
C HIS B 187 46.27 41.41 9.43
N ALA B 188 46.68 40.16 9.58
CA ALA B 188 47.29 39.68 10.80
C ALA B 188 48.42 38.74 10.44
N PRO B 189 49.42 38.58 11.32
CA PRO B 189 50.62 37.81 10.93
C PRO B 189 50.41 36.30 10.95
N ALA B 190 49.31 35.82 10.39
CA ALA B 190 49.04 34.39 10.24
C ALA B 190 49.24 33.65 11.56
N THR B 191 48.38 33.98 12.52
CA THR B 191 48.55 33.46 13.88
C THR B 191 48.48 31.94 13.92
N VAL B 192 47.52 31.35 13.21
CA VAL B 192 47.39 29.90 13.15
C VAL B 192 47.82 29.41 11.77
N CYS B 193 48.88 28.60 11.74
CA CYS B 193 49.36 28.10 10.45
C CYS B 193 49.37 26.57 10.41
N GLY B 194 49.92 25.93 11.43
CA GLY B 194 49.94 24.49 11.48
C GLY B 194 51.30 23.92 11.83
N PRO B 195 51.51 22.62 11.53
CA PRO B 195 52.74 21.90 11.85
C PRO B 195 53.84 22.12 10.82
C1 NAG C . 19.83 -34.29 -0.50
C2 NAG C . 20.10 -34.77 0.92
C3 NAG C . 20.14 -36.29 0.99
C4 NAG C . 20.97 -36.88 -0.15
C5 NAG C . 20.55 -36.31 -1.50
C6 NAG C . 20.06 -37.37 -2.45
C7 NAG C . 21.39 -33.44 2.53
C8 NAG C . 22.75 -32.95 2.92
N2 NAG C . 21.35 -34.20 1.44
O3 NAG C . 18.82 -36.81 0.92
O4 NAG C . 22.35 -36.60 0.07
O5 NAG C . 19.47 -35.39 -1.31
O6 NAG C . 19.39 -38.42 -1.77
O7 NAG C . 20.40 -33.17 3.19
C1 NAG D . 0.26 -31.33 -26.85
C2 NAG D . 1.48 -31.93 -27.55
C3 NAG D . 1.06 -33.12 -28.40
C4 NAG D . 0.27 -34.13 -27.57
C5 NAG D . -0.90 -33.43 -26.88
C6 NAG D . -1.65 -34.35 -25.95
C7 NAG D . 3.16 -30.18 -27.88
C8 NAG D . 3.76 -29.20 -28.84
N2 NAG D . 2.17 -30.94 -28.35
O3 NAG D . 2.22 -33.75 -28.94
O4 NAG D . -0.24 -35.15 -28.42
O5 NAG D . -0.41 -32.34 -26.09
O6 NAG D . -2.32 -33.61 -24.92
O7 NAG D . 3.55 -30.26 -26.72
ZN ZN E . -0.58 -7.53 -3.14
C1 NAG F . 37.34 12.02 20.87
C2 NAG F . 38.23 11.35 21.91
C3 NAG F . 39.01 10.20 21.27
C4 NAG F . 38.05 9.24 20.57
C5 NAG F . 37.15 9.99 19.60
C6 NAG F . 36.09 9.11 18.98
C7 NAG F . 39.28 12.42 23.85
C8 NAG F . 40.25 13.46 24.31
N2 NAG F . 39.13 12.30 22.52
O3 NAG F . 39.75 9.52 22.27
O4 NAG F . 38.79 8.25 19.86
O5 NAG F . 36.46 11.05 20.28
O6 NAG F . 35.89 7.93 19.73
O7 NAG F . 38.66 11.72 24.64
#